data_3W86
#
_entry.id   3W86
#
_cell.length_a   67.893
_cell.length_b   71.508
_cell.length_c   129.586
_cell.angle_alpha   90.00
_cell.angle_beta   90.00
_cell.angle_gamma   90.00
#
_symmetry.space_group_name_H-M   'P 21 21 21'
#
loop_
_entity.id
_entity.type
_entity.pdbx_description
1 polymer 'Dihydroorotate dehydrogenase (fumarate)'
2 non-polymer '5-{4-[4-(methoxycarbonyl)phenyl]butyl}-2,6-dioxo-1,2,3,6-tetrahydropyrimidine-4-carboxylic acid'
3 non-polymer GLYCEROL
4 non-polymer 'CACODYLATE ION'
5 non-polymer 'FLAVIN MONONUCLEOTIDE'
6 non-polymer 1,2-ETHANEDIOL
7 non-polymer 'COBALT HEXAMMINE(III)'
8 water water
#
_entity_poly.entity_id   1
_entity_poly.type   'polypeptide(L)'
_entity_poly.pdbx_seq_one_letter_code
;MCLKLNLLDHVFANPFMNAAGVLCSTEEDLRCMTASSSGALVSKSCTSAPRDGNPEPRYMAFPLGSINSMGLPNLGFDFY
LKYASDLHDYSKKPLFLSISGLSVEENVAMVRRLAPVAQEKGVLLELNLSCPNVPGKPQVAYDFEAMRTYLQQVSLAYGL
PFGVKMPPYFDIAHFDTAAAVLNEFPLVKFVTCVNSVGNGLVIDAESESVVIKPKQGFGGLGGKYILPTALANVNAFYRR
CPDKLVFGCGGVYSGEDAFLHILAGASMVQVGTALQEEGPGIFTRLEDELLEIMARKGYRTLEEFRGRVKTIE
;
_entity_poly.pdbx_strand_id   A,B
#
loop_
_chem_comp.id
_chem_comp.type
_chem_comp.name
_chem_comp.formula
CAC non-polymer 'CACODYLATE ION' 'C2 H6 As O2 -1'
EDO non-polymer 1,2-ETHANEDIOL 'C2 H6 O2'
FMN non-polymer 'FLAVIN MONONUCLEOTIDE' 'C17 H21 N4 O9 P'
GOL non-polymer GLYCEROL 'C3 H8 O3'
NCO non-polymer 'COBALT HEXAMMINE(III)' 'Co H18 N6 3'
W86 non-polymer '5-{4-[4-(methoxycarbonyl)phenyl]butyl}-2,6-dioxo-1,2,3,6-tetrahydropyrimidine-4-carboxylic acid' 'C17 H18 N2 O6'
#
# COMPACT_ATOMS: atom_id res chain seq x y z
N MET A 1 9.47 34.89 -10.94
CA MET A 1 8.31 34.03 -10.81
C MET A 1 8.07 33.76 -9.34
N CYS A 2 6.82 33.80 -8.96
CA CYS A 2 6.42 33.47 -7.62
C CYS A 2 5.26 32.51 -7.78
N LEU A 3 5.01 31.82 -6.68
CA LEU A 3 4.11 30.73 -6.58
C LEU A 3 3.04 30.92 -5.58
N LYS A 4 2.72 32.18 -5.30
CA LYS A 4 1.70 32.44 -4.36
C LYS A 4 0.42 31.89 -5.04
N LEU A 5 -0.55 31.49 -4.21
CA LEU A 5 -1.87 30.99 -4.58
C LEU A 5 -3.05 31.23 -3.59
N ASN A 6 -4.41 31.08 -3.83
N ASN A 6 -4.41 31.35 -3.82
CA ASN A 6 -5.75 31.43 -3.16
CA ASN A 6 -5.70 31.62 -3.03
C ASN A 6 -6.97 30.40 -3.00
C ASN A 6 -6.36 30.27 -3.04
N LEU A 7 -6.96 29.74 -1.95
CA LEU A 7 -7.68 28.55 -1.61
C LEU A 7 -8.40 28.80 -0.32
N LEU A 8 -9.61 28.35 -0.25
CA LEU A 8 -10.33 28.31 0.98
C LEU A 8 -10.37 29.76 1.66
N ASP A 9 -10.39 30.76 0.82
CA ASP A 9 -10.45 32.16 1.20
C ASP A 9 -9.21 32.58 1.98
N HIS A 10 -8.13 31.89 1.73
CA HIS A 10 -6.87 32.27 2.27
C HIS A 10 -5.84 32.39 1.15
N VAL A 11 -4.83 33.19 1.40
CA VAL A 11 -3.72 33.37 0.50
C VAL A 11 -2.47 32.62 0.96
N PHE A 12 -1.84 31.92 0.03
CA PHE A 12 -0.66 31.15 0.32
C PHE A 12 0.49 31.57 -0.63
N ALA A 13 1.67 31.75 -0.09
CA ALA A 13 2.91 32.14 -0.79
C ALA A 13 3.36 31.02 -1.74
N ASN A 14 3.04 29.81 -1.36
CA ASN A 14 3.43 28.65 -2.08
C ASN A 14 2.57 27.48 -1.57
N PRO A 15 2.63 26.36 -2.41
CA PRO A 15 1.73 25.26 -2.03
C PRO A 15 2.25 24.30 -0.92
N PHE A 16 3.42 24.56 -0.39
CA PHE A 16 4.02 23.61 0.54
C PHE A 16 3.63 23.79 2.01
N MET A 17 3.48 22.67 2.72
CA MET A 17 3.26 22.69 4.12
C MET A 17 3.74 21.41 4.72
N ASN A 18 3.89 21.37 6.03
CA ASN A 18 4.21 20.10 6.67
C ASN A 18 2.97 19.22 6.52
N ALA A 19 3.23 17.90 6.62
CA ALA A 19 2.19 16.90 6.84
C ALA A 19 1.89 16.82 8.34
N ALA A 20 0.64 16.64 8.69
CA ALA A 20 0.31 16.52 10.09
C ALA A 20 1.11 15.51 10.80
N GLY A 21 1.51 15.87 12.02
CA GLY A 21 2.36 15.02 12.86
C GLY A 21 3.88 15.27 12.81
N VAL A 22 4.32 15.91 11.74
CA VAL A 22 5.72 16.24 11.55
C VAL A 22 5.99 17.70 11.84
N LEU A 23 6.90 17.92 12.79
CA LEU A 23 7.28 19.27 13.21
C LEU A 23 6.12 20.18 13.62
N CYS A 24 5.25 19.67 14.47
CA CYS A 24 4.04 20.41 14.78
C CYS A 24 3.37 20.07 16.10
N SER A 25 4.09 19.46 16.99
CA SER A 25 3.49 18.99 18.22
C SER A 25 3.53 19.98 19.37
N THR A 26 4.63 20.73 19.50
CA THR A 26 4.82 21.66 20.56
C THR A 26 4.72 23.05 20.02
N GLU A 27 4.67 24.00 20.95
CA GLU A 27 4.71 25.42 20.59
C GLU A 27 6.00 25.73 19.82
N GLU A 28 7.11 25.19 20.26
CA GLU A 28 8.43 25.33 19.60
C GLU A 28 8.29 24.88 18.13
N ASP A 29 7.69 23.69 17.96
CA ASP A 29 7.62 23.11 16.63
C ASP A 29 6.75 24.07 15.71
N LEU A 30 5.60 24.54 16.24
CA LEU A 30 4.69 25.39 15.46
C LEU A 30 5.33 26.71 15.12
N ARG A 31 6.11 27.27 16.04
N ARG A 31 6.09 27.27 16.07
CA ARG A 31 6.83 28.48 15.72
CA ARG A 31 6.90 28.48 15.84
C ARG A 31 7.92 28.28 14.69
C ARG A 31 7.94 28.29 14.73
N CYS A 32 8.57 27.12 14.73
CA CYS A 32 9.62 26.74 13.76
C CYS A 32 8.95 26.58 12.38
N MET A 33 7.83 25.85 12.27
CA MET A 33 7.12 25.79 11.00
C MET A 33 6.65 27.18 10.52
N THR A 34 6.24 28.04 11.44
CA THR A 34 5.77 29.39 11.03
C THR A 34 6.96 30.24 10.50
N ALA A 35 8.15 30.08 11.08
CA ALA A 35 9.36 30.75 10.63
C ALA A 35 9.97 30.24 9.35
N SER A 36 9.56 29.02 8.95
CA SER A 36 10.02 28.41 7.72
C SER A 36 9.46 29.08 6.49
N SER A 37 9.96 28.71 5.33
CA SER A 37 9.43 29.28 4.09
C SER A 37 8.17 28.54 3.58
N SER A 38 7.64 27.57 4.35
CA SER A 38 6.40 26.89 3.90
C SER A 38 5.29 27.89 3.70
N GLY A 39 4.38 27.52 2.82
CA GLY A 39 3.19 28.33 2.53
C GLY A 39 2.10 28.25 3.58
N ALA A 40 2.12 27.21 4.41
CA ALA A 40 1.12 26.99 5.48
C ALA A 40 1.75 25.97 6.47
N LEU A 41 1.04 25.73 7.55
CA LEU A 41 1.39 24.68 8.50
C LEU A 41 0.12 24.04 9.01
N VAL A 42 0.27 22.78 9.51
CA VAL A 42 -0.82 22.06 10.18
C VAL A 42 -0.32 21.48 11.51
N SER A 43 -1.17 21.55 12.54
CA SER A 43 -0.81 21.05 13.86
C SER A 43 -0.84 19.52 13.91
N LYS A 44 -0.22 18.96 14.91
CA LYS A 44 -0.27 17.52 15.26
C LYS A 44 -1.74 17.17 15.47
N SER A 45 -2.18 16.05 14.97
CA SER A 45 -3.58 15.63 15.26
C SER A 45 -3.76 15.56 16.79
N CYS A 46 -4.89 16.07 17.30
CA CYS A 46 -5.11 16.17 18.69
C CYS A 46 -6.30 15.41 19.18
N THR A 47 -6.20 15.12 20.48
CA THR A 47 -7.30 14.49 21.21
C THR A 47 -7.74 15.43 22.34
N SER A 48 -8.87 15.12 22.96
CA SER A 48 -9.39 16.05 23.98
C SER A 48 -8.40 16.18 25.12
N ALA A 49 -7.78 15.10 25.56
CA ALA A 49 -6.81 15.11 26.61
C ALA A 49 -5.39 14.96 26.04
N PRO A 50 -4.38 15.43 26.74
CA PRO A 50 -3.03 15.19 26.36
C PRO A 50 -2.75 13.68 26.32
N ARG A 51 -1.87 13.26 25.42
CA ARG A 51 -1.41 11.87 25.38
C ARG A 51 0.08 11.79 25.25
N ASP A 52 0.66 10.82 25.96
CA ASP A 52 2.11 10.57 25.85
C ASP A 52 2.47 9.73 24.54
N GLY A 53 1.45 9.05 24.04
CA GLY A 53 1.66 8.16 22.87
C GLY A 53 2.31 6.86 23.28
N ASN A 54 2.78 6.12 22.29
CA ASN A 54 3.34 4.78 22.47
C ASN A 54 4.77 4.80 22.97
N PRO A 55 5.25 3.65 23.49
CA PRO A 55 6.63 3.52 23.88
C PRO A 55 7.60 3.65 22.71
N GLU A 56 8.80 4.13 22.98
CA GLU A 56 9.87 4.29 21.96
C GLU A 56 10.72 3.03 21.90
N PRO A 57 11.30 2.75 20.73
CA PRO A 57 11.23 3.52 19.48
C PRO A 57 9.92 3.36 18.80
N ARG A 58 9.42 4.45 18.23
CA ARG A 58 8.09 4.47 17.62
C ARG A 58 8.11 5.15 16.22
N TYR A 59 9.23 5.71 15.80
CA TYR A 59 9.51 6.24 14.46
C TYR A 59 10.86 5.79 14.02
N MET A 60 11.05 5.26 12.77
CA MET A 60 12.33 5.10 12.22
C MET A 60 12.33 5.43 10.78
N ALA A 61 13.43 5.97 10.30
CA ALA A 61 13.59 6.25 8.88
C ALA A 61 14.77 5.54 8.25
N PHE A 62 14.66 5.43 6.93
CA PHE A 62 15.54 4.63 6.08
C PHE A 62 15.61 5.28 4.74
N PRO A 63 16.54 4.86 3.88
CA PRO A 63 16.73 5.58 2.63
C PRO A 63 15.42 5.61 1.84
N LEU A 64 14.55 4.60 1.90
CA LEU A 64 13.29 4.65 1.11
C LEU A 64 12.08 5.20 1.80
N GLY A 65 12.21 5.52 3.09
CA GLY A 65 11.07 6.09 3.80
C GLY A 65 11.05 5.79 5.29
N SER A 66 9.91 5.91 5.89
CA SER A 66 9.78 5.81 7.34
C SER A 66 8.66 4.88 7.72
N ILE A 67 8.71 4.43 8.94
CA ILE A 67 7.69 3.71 9.60
C ILE A 67 7.41 4.30 10.99
N ASN A 68 6.15 4.37 11.35
CA ASN A 68 5.79 4.94 12.67
C ASN A 68 4.54 4.33 13.25
N SER A 69 4.57 4.18 14.59
N SER A 69 4.53 4.18 14.59
CA SER A 69 3.41 3.95 15.38
CA SER A 69 3.32 3.98 15.34
C SER A 69 3.47 4.91 16.55
C SER A 69 3.42 4.90 16.54
N MET A 70 3.29 6.20 16.29
CA MET A 70 3.47 7.19 17.29
C MET A 70 2.51 6.96 18.45
N GLY A 71 1.26 6.66 18.11
CA GLY A 71 0.16 6.55 19.13
C GLY A 71 -0.47 7.82 19.51
N LEU A 72 -0.53 8.77 18.61
CA LEU A 72 -1.21 10.00 18.82
C LEU A 72 -0.66 10.77 20.02
N PRO A 73 0.64 10.82 20.22
CA PRO A 73 1.14 11.76 21.28
C PRO A 73 0.76 13.18 20.94
N ASN A 74 0.21 13.93 21.88
CA ASN A 74 -0.07 15.36 21.57
C ASN A 74 -0.29 16.10 22.85
N LEU A 75 -0.33 17.42 22.79
CA LEU A 75 -0.46 18.23 23.97
C LEU A 75 -1.90 18.43 24.39
N GLY A 76 -2.82 17.90 23.62
CA GLY A 76 -4.24 18.04 23.86
C GLY A 76 -4.87 19.24 23.15
N PHE A 77 -6.16 19.13 22.95
CA PHE A 77 -6.89 20.09 22.19
C PHE A 77 -6.83 21.50 22.77
N ASP A 78 -6.85 21.63 24.07
CA ASP A 78 -6.82 22.96 24.65
C ASP A 78 -5.57 23.71 24.23
N PHE A 79 -4.43 23.03 24.17
CA PHE A 79 -3.21 23.67 23.72
C PHE A 79 -3.25 24.15 22.25
N TYR A 80 -3.68 23.31 21.36
CA TYR A 80 -3.73 23.66 19.94
C TYR A 80 -4.74 24.75 19.67
N LEU A 81 -5.83 24.71 20.38
CA LEU A 81 -6.82 25.77 20.29
C LEU A 81 -6.26 27.13 20.77
N LYS A 82 -5.53 27.12 21.87
CA LYS A 82 -4.90 28.30 22.38
C LYS A 82 -3.85 28.80 21.39
N TYR A 83 -3.07 27.89 20.80
CA TYR A 83 -2.13 28.27 19.79
C TYR A 83 -2.87 29.04 18.66
N ALA A 84 -3.94 28.41 18.16
CA ALA A 84 -4.71 29.01 17.09
C ALA A 84 -5.34 30.39 17.44
N SER A 85 -5.84 30.46 18.66
N SER A 85 -5.84 30.47 18.66
CA SER A 85 -6.63 31.59 19.11
CA SER A 85 -6.59 31.65 19.09
C SER A 85 -5.73 32.77 19.57
C SER A 85 -5.66 32.80 19.50
N ASP A 86 -4.55 32.47 20.16
CA ASP A 86 -3.74 33.49 20.84
C ASP A 86 -2.32 33.59 20.36
N LEU A 87 -1.69 32.52 19.84
CA LEU A 87 -0.29 32.53 19.59
C LEU A 87 0.13 32.65 18.13
N HIS A 88 -0.61 32.03 17.20
CA HIS A 88 -0.17 31.97 15.82
C HIS A 88 -0.24 33.37 15.21
N ASP A 89 0.78 33.66 14.43
CA ASP A 89 0.80 34.88 13.60
C ASP A 89 0.23 34.60 12.20
N TYR A 90 -1.05 34.90 12.06
CA TYR A 90 -1.73 34.73 10.80
C TYR A 90 -1.21 35.64 9.66
N SER A 91 -0.47 36.69 9.98
CA SER A 91 0.22 37.53 8.96
C SER A 91 1.33 36.75 8.26
N LYS A 92 1.83 35.68 8.88
CA LYS A 92 2.92 34.93 8.32
C LYS A 92 2.42 33.89 7.35
N LYS A 93 1.38 33.14 7.74
CA LYS A 93 0.83 32.08 6.85
C LYS A 93 -0.41 31.49 7.49
N PRO A 94 -1.24 30.77 6.71
CA PRO A 94 -2.41 30.12 7.27
C PRO A 94 -2.05 28.93 8.15
N LEU A 95 -2.90 28.69 9.09
CA LEU A 95 -2.78 27.55 9.97
C LEU A 95 -3.96 26.62 9.82
N PHE A 96 -3.69 25.29 9.73
CA PHE A 96 -4.61 24.23 9.80
C PHE A 96 -4.48 23.52 11.15
N LEU A 97 -5.59 23.19 11.78
CA LEU A 97 -5.56 22.32 13.00
C LEU A 97 -6.11 20.97 12.67
N SER A 98 -5.36 19.93 13.00
CA SER A 98 -5.79 18.56 12.77
C SER A 98 -6.39 18.02 14.05
N ILE A 99 -7.59 17.47 13.94
N ILE A 99 -7.52 17.36 13.89
CA ILE A 99 -8.19 16.73 15.06
CA ILE A 99 -8.30 16.79 15.00
C ILE A 99 -8.43 15.26 14.78
C ILE A 99 -8.43 15.26 14.77
N SER A 100 -8.12 14.44 15.77
CA SER A 100 -8.29 12.97 15.64
C SER A 100 -8.80 12.41 16.99
N GLY A 101 -10.01 12.81 17.29
CA GLY A 101 -10.72 12.28 18.50
C GLY A 101 -10.83 10.75 18.42
N LEU A 102 -10.81 10.11 19.60
CA LEU A 102 -10.98 8.64 19.66
C LEU A 102 -12.45 8.19 19.51
N SER A 103 -13.42 9.10 19.45
CA SER A 103 -14.80 8.73 19.12
C SER A 103 -15.42 9.81 18.39
N VAL A 104 -16.58 9.55 17.83
CA VAL A 104 -17.34 10.62 17.21
C VAL A 104 -17.67 11.74 18.18
N GLU A 105 -18.08 11.39 19.40
CA GLU A 105 -18.46 12.41 20.35
C GLU A 105 -17.36 13.37 20.74
N GLU A 106 -16.18 12.82 20.82
CA GLU A 106 -14.95 13.57 21.16
C GLU A 106 -14.63 14.54 20.02
N ASN A 107 -14.69 14.09 18.76
CA ASN A 107 -14.58 14.98 17.62
C ASN A 107 -15.65 16.07 17.55
N VAL A 108 -16.95 15.72 17.75
CA VAL A 108 -17.97 16.75 17.83
C VAL A 108 -17.66 17.79 18.91
N ALA A 109 -17.25 17.35 20.08
CA ALA A 109 -16.95 18.30 21.14
C ALA A 109 -15.80 19.30 20.82
N MET A 110 -14.78 18.75 20.13
CA MET A 110 -13.67 19.60 19.74
C MET A 110 -14.09 20.55 18.68
N VAL A 111 -14.84 20.07 17.64
CA VAL A 111 -15.24 20.96 16.58
C VAL A 111 -16.13 22.11 17.01
N ARG A 112 -17.01 21.84 17.99
N ARG A 112 -16.99 21.80 17.99
CA ARG A 112 -17.91 22.92 18.45
CA ARG A 112 -17.94 22.82 18.52
C ARG A 112 -17.12 24.03 19.08
C ARG A 112 -17.15 23.97 19.13
N ARG A 113 -16.05 23.63 19.77
CA ARG A 113 -15.14 24.63 20.35
C ARG A 113 -14.22 25.38 19.34
N LEU A 114 -13.85 24.70 18.21
CA LEU A 114 -13.00 25.28 17.27
C LEU A 114 -13.72 26.32 16.43
N ALA A 115 -15.05 26.03 16.18
CA ALA A 115 -15.85 26.84 15.30
C ALA A 115 -15.69 28.36 15.46
N PRO A 116 -15.91 28.90 16.72
CA PRO A 116 -15.69 30.34 16.85
C PRO A 116 -14.31 30.91 16.63
N VAL A 117 -13.30 30.06 16.87
CA VAL A 117 -11.94 30.43 16.55
C VAL A 117 -11.64 30.45 15.04
N ALA A 118 -12.23 29.43 14.35
CA ALA A 118 -12.24 29.40 12.92
C ALA A 118 -12.88 30.68 12.35
N GLN A 119 -14.06 31.05 12.92
CA GLN A 119 -14.74 32.28 12.46
C GLN A 119 -13.94 33.55 12.73
N GLU A 120 -13.37 33.64 13.91
CA GLU A 120 -12.64 34.82 14.37
C GLU A 120 -11.23 35.00 13.73
N LYS A 121 -10.45 33.91 13.68
CA LYS A 121 -9.10 33.93 13.27
C LYS A 121 -8.82 33.30 11.88
N GLY A 122 -9.71 32.47 11.38
CA GLY A 122 -9.52 31.80 10.06
C GLY A 122 -8.72 30.51 10.13
N VAL A 123 -8.43 29.98 11.29
CA VAL A 123 -7.82 28.64 11.37
C VAL A 123 -8.70 27.64 10.60
N LEU A 124 -8.11 26.67 9.87
CA LEU A 124 -8.80 25.73 9.07
C LEU A 124 -8.69 24.34 9.63
N LEU A 125 -9.77 23.62 9.59
CA LEU A 125 -9.86 22.28 10.17
C LEU A 125 -9.48 21.19 9.16
N GLU A 126 -8.55 20.32 9.59
CA GLU A 126 -8.25 19.02 8.91
C GLU A 126 -8.66 17.92 9.82
N LEU A 127 -9.75 17.26 9.47
CA LEU A 127 -10.25 16.15 10.28
C LEU A 127 -9.59 14.83 9.86
N ASN A 128 -8.89 14.20 10.81
CA ASN A 128 -8.19 12.96 10.52
C ASN A 128 -9.12 11.73 10.66
N LEU A 129 -9.39 11.08 9.55
CA LEU A 129 -10.32 9.97 9.45
C LEU A 129 -9.64 8.65 9.56
N SER A 130 -8.43 8.68 10.10
CA SER A 130 -7.70 7.56 10.77
C SER A 130 -8.00 7.32 12.33
N CYS A 131 -7.73 6.16 12.89
CA CYS A 131 -8.24 5.67 14.21
C CYS A 131 -7.36 4.60 14.96
N PRO A 132 -7.55 4.49 16.36
CA PRO A 132 -6.84 3.33 16.97
C PRO A 132 -7.41 1.95 16.56
N ASN A 133 -6.62 0.89 16.55
CA ASN A 133 -7.21 -0.45 16.37
C ASN A 133 -8.22 -0.82 17.47
N VAL A 134 -9.44 -1.19 17.03
CA VAL A 134 -10.51 -1.72 17.89
C VAL A 134 -10.76 -3.13 17.36
N PRO A 135 -10.28 -4.15 18.09
CA PRO A 135 -10.59 -5.49 17.52
C PRO A 135 -12.06 -5.68 17.08
N GLY A 136 -12.24 -6.25 15.88
CA GLY A 136 -13.57 -6.49 15.32
C GLY A 136 -14.02 -5.28 14.53
N LYS A 137 -13.18 -4.22 14.45
CA LYS A 137 -13.48 -2.93 13.64
C LYS A 137 -12.40 -2.12 12.82
N PRO A 138 -12.64 -1.92 11.48
CA PRO A 138 -11.63 -1.17 10.68
C PRO A 138 -11.58 0.29 11.02
N GLN A 139 -10.54 1.03 10.62
CA GLN A 139 -10.48 2.47 10.78
C GLN A 139 -11.68 3.06 10.07
N VAL A 140 -12.04 4.24 10.59
CA VAL A 140 -13.25 4.89 10.16
C VAL A 140 -13.28 5.01 8.62
N ALA A 141 -12.19 5.45 7.97
CA ALA A 141 -12.35 5.71 6.50
C ALA A 141 -12.38 4.45 5.70
N TYR A 142 -12.13 3.30 6.36
CA TYR A 142 -12.29 2.02 5.75
C TYR A 142 -13.64 1.34 6.06
N ASP A 143 -14.52 2.08 6.77
CA ASP A 143 -15.89 1.62 7.11
C ASP A 143 -16.80 2.79 6.63
N PHE A 144 -17.33 2.64 5.44
CA PHE A 144 -17.93 3.74 4.68
C PHE A 144 -19.19 4.25 5.38
N GLU A 145 -19.96 3.36 6.00
N GLU A 145 -19.96 3.33 5.98
CA GLU A 145 -21.15 3.80 6.74
CA GLU A 145 -21.12 3.70 6.82
C GLU A 145 -20.73 4.53 8.01
C GLU A 145 -20.71 4.53 7.99
N ALA A 146 -19.69 4.07 8.72
CA ALA A 146 -19.14 4.87 9.81
C ALA A 146 -18.65 6.27 9.41
N MET A 147 -17.91 6.32 8.25
CA MET A 147 -17.38 7.55 7.78
C MET A 147 -18.52 8.53 7.51
N ARG A 148 -19.57 8.07 6.83
CA ARG A 148 -20.75 8.89 6.50
C ARG A 148 -21.33 9.50 7.86
N THR A 149 -21.50 8.67 8.85
CA THR A 149 -21.87 9.17 10.22
C THR A 149 -20.99 10.21 10.83
N TYR A 150 -19.67 9.99 10.85
N TYR A 150 -19.67 10.01 10.85
CA TYR A 150 -18.78 10.95 11.43
CA TYR A 150 -18.78 11.01 11.43
C TYR A 150 -19.05 12.24 10.74
C TYR A 150 -18.99 12.30 10.72
N LEU A 151 -19.03 12.24 9.40
CA LEU A 151 -19.05 13.40 8.67
C LEU A 151 -20.36 14.15 8.83
N GLN A 152 -21.48 13.44 8.84
CA GLN A 152 -22.77 14.04 9.20
C GLN A 152 -22.73 14.79 10.54
N GLN A 153 -22.22 14.12 11.56
N GLN A 153 -22.20 14.11 11.54
CA GLN A 153 -22.17 14.73 12.88
CA GLN A 153 -22.09 14.67 12.88
C GLN A 153 -21.17 15.90 12.94
C GLN A 153 -21.16 15.86 12.95
N VAL A 154 -20.00 15.78 12.30
CA VAL A 154 -19.07 16.91 12.31
C VAL A 154 -19.60 18.12 11.56
N SER A 155 -20.14 17.90 10.34
CA SER A 155 -20.70 18.92 9.51
C SER A 155 -21.72 19.69 10.37
N LEU A 156 -22.58 18.96 11.04
CA LEU A 156 -23.68 19.58 11.84
C LEU A 156 -23.07 20.37 12.96
N ALA A 157 -22.17 19.75 13.67
CA ALA A 157 -21.55 20.43 14.85
C ALA A 157 -20.68 21.61 14.54
N TYR A 158 -19.93 21.56 13.41
CA TYR A 158 -18.98 22.57 13.02
C TYR A 158 -19.57 23.68 12.20
N GLY A 159 -20.32 23.29 11.18
CA GLY A 159 -21.00 24.26 10.35
C GLY A 159 -20.25 25.14 9.43
N LEU A 160 -18.94 24.88 9.27
CA LEU A 160 -18.06 25.72 8.50
C LEU A 160 -17.26 24.79 7.54
N PRO A 161 -16.65 25.33 6.55
CA PRO A 161 -15.82 24.53 5.54
C PRO A 161 -14.67 23.89 6.33
N PHE A 162 -14.41 22.63 5.99
CA PHE A 162 -13.32 21.86 6.63
C PHE A 162 -12.77 20.87 5.57
N GLY A 163 -11.74 20.17 5.95
CA GLY A 163 -11.19 19.13 5.13
C GLY A 163 -10.99 17.88 5.90
N VAL A 164 -10.67 16.82 5.18
N VAL A 164 -10.66 16.84 5.18
CA VAL A 164 -10.56 15.47 5.70
CA VAL A 164 -10.52 15.51 5.71
C VAL A 164 -9.22 14.85 5.25
C VAL A 164 -9.20 14.88 5.25
N LYS A 165 -8.53 14.22 6.19
CA LYS A 165 -7.29 13.48 5.91
C LYS A 165 -7.64 11.98 5.74
N MET A 166 -7.35 11.46 4.51
CA MET A 166 -7.74 10.11 4.13
C MET A 166 -6.59 9.18 4.19
N PRO A 167 -6.85 7.89 4.54
CA PRO A 167 -5.92 6.88 4.23
C PRO A 167 -5.96 6.49 2.76
N PRO A 168 -4.88 5.85 2.26
CA PRO A 168 -4.92 5.33 0.89
C PRO A 168 -5.94 4.21 0.71
N TYR A 169 -6.49 4.22 -0.50
CA TYR A 169 -7.26 3.08 -1.04
C TYR A 169 -6.54 2.44 -2.20
N PHE A 170 -6.91 1.20 -2.47
CA PHE A 170 -6.18 0.33 -3.41
C PHE A 170 -7.05 -0.37 -4.40
N ASP A 171 -8.30 0.04 -4.46
CA ASP A 171 -9.33 -0.70 -5.19
C ASP A 171 -10.28 0.35 -5.78
N ILE A 172 -10.54 0.31 -7.08
CA ILE A 172 -11.32 1.37 -7.73
C ILE A 172 -12.72 1.46 -7.19
N ALA A 173 -13.31 0.34 -6.79
CA ALA A 173 -14.66 0.37 -6.18
C ALA A 173 -14.62 1.18 -4.90
N HIS A 174 -13.51 1.06 -4.14
CA HIS A 174 -13.34 1.83 -2.92
C HIS A 174 -13.18 3.28 -3.23
N PHE A 175 -12.43 3.62 -4.24
CA PHE A 175 -12.38 5.06 -4.65
C PHE A 175 -13.78 5.60 -4.92
N ASP A 176 -14.53 4.82 -5.67
CA ASP A 176 -15.93 5.25 -6.05
C ASP A 176 -16.76 5.47 -4.78
N THR A 177 -16.74 4.51 -3.87
CA THR A 177 -17.56 4.58 -2.69
C THR A 177 -17.12 5.73 -1.83
N ALA A 178 -15.81 5.84 -1.58
CA ALA A 178 -15.31 6.85 -0.64
C ALA A 178 -15.63 8.24 -1.16
N ALA A 179 -15.41 8.44 -2.47
CA ALA A 179 -15.60 9.76 -3.01
C ALA A 179 -17.10 10.12 -2.99
N ALA A 180 -17.94 9.13 -3.25
CA ALA A 180 -19.39 9.40 -3.11
C ALA A 180 -19.79 9.80 -1.76
N VAL A 181 -19.26 9.15 -0.74
CA VAL A 181 -19.49 9.59 0.63
C VAL A 181 -19.09 11.05 0.80
N LEU A 182 -17.85 11.36 0.43
CA LEU A 182 -17.41 12.74 0.61
C LEU A 182 -18.20 13.74 -0.10
N ASN A 183 -18.71 13.40 -1.28
CA ASN A 183 -19.48 14.34 -2.06
C ASN A 183 -20.90 14.54 -1.48
N GLU A 184 -21.28 13.81 -0.46
CA GLU A 184 -22.59 14.04 0.22
C GLU A 184 -22.45 15.23 1.12
N PHE A 185 -21.23 15.67 1.41
CA PHE A 185 -20.98 16.78 2.37
C PHE A 185 -20.42 18.04 1.75
N PRO A 186 -21.26 19.05 1.58
CA PRO A 186 -20.77 20.19 0.96
C PRO A 186 -19.77 21.05 1.76
N LEU A 187 -19.78 20.87 3.08
CA LEU A 187 -18.77 21.57 3.90
C LEU A 187 -17.38 20.90 3.84
N VAL A 188 -17.29 19.69 3.28
CA VAL A 188 -15.97 19.15 3.02
C VAL A 188 -15.37 19.77 1.80
N LYS A 189 -14.45 20.74 1.97
CA LYS A 189 -13.96 21.54 0.86
C LYS A 189 -12.57 21.13 0.37
N PHE A 190 -11.87 20.31 1.18
CA PHE A 190 -10.61 19.70 0.69
C PHE A 190 -10.49 18.32 1.26
N VAL A 191 -9.73 17.55 0.51
CA VAL A 191 -9.48 16.15 0.78
C VAL A 191 -7.95 16.01 0.77
N THR A 192 -7.34 15.52 1.83
CA THR A 192 -5.90 15.31 1.83
C THR A 192 -5.60 13.82 1.64
N CYS A 193 -4.93 13.56 0.53
CA CYS A 193 -4.55 12.16 0.13
C CYS A 193 -3.05 12.13 0.08
N VAL A 194 -2.36 11.40 0.94
CA VAL A 194 -2.80 10.39 1.84
C VAL A 194 -2.07 10.38 3.19
N ASN A 195 -2.72 9.78 4.18
CA ASN A 195 -2.02 9.31 5.39
C ASN A 195 -1.06 8.15 5.05
N SER A 196 -0.37 7.73 6.07
CA SER A 196 0.58 6.66 5.86
C SER A 196 -0.06 5.39 5.37
N VAL A 197 0.71 4.58 4.63
CA VAL A 197 0.25 3.29 4.13
C VAL A 197 0.29 2.36 5.37
N GLY A 198 -0.89 1.89 5.78
CA GLY A 198 -1.03 1.26 7.05
C GLY A 198 -0.33 -0.04 7.22
N ASN A 199 0.18 -0.19 8.44
CA ASN A 199 0.58 -1.56 8.92
C ASN A 199 1.60 -2.29 7.96
N GLY A 200 2.66 -1.56 7.60
CA GLY A 200 3.86 -2.19 7.09
C GLY A 200 4.74 -2.70 8.21
N LEU A 201 5.81 -3.38 7.82
CA LEU A 201 6.68 -4.02 8.77
C LEU A 201 8.08 -3.94 8.26
N VAL A 202 8.94 -3.16 8.92
CA VAL A 202 10.37 -3.08 8.57
C VAL A 202 11.17 -3.99 9.54
N ILE A 203 12.03 -4.82 8.95
CA ILE A 203 12.86 -5.75 9.73
C ILE A 203 14.30 -5.47 9.44
N ASP A 204 15.09 -5.39 10.47
CA ASP A 204 16.57 -5.24 10.41
C ASP A 204 17.20 -6.59 10.20
N ALA A 205 17.94 -6.83 9.11
CA ALA A 205 18.54 -8.16 8.88
C ALA A 205 19.61 -8.49 9.91
N GLU A 206 20.46 -7.53 10.26
N GLU A 206 20.43 -7.51 10.24
CA GLU A 206 21.55 -7.88 11.22
CA GLU A 206 21.54 -7.76 11.18
C GLU A 206 21.01 -8.29 12.57
C GLU A 206 21.04 -8.24 12.53
N SER A 207 20.11 -7.51 13.13
CA SER A 207 19.61 -7.82 14.45
C SER A 207 18.47 -8.84 14.43
N GLU A 208 17.90 -9.07 13.25
CA GLU A 208 16.73 -9.97 13.04
C GLU A 208 15.55 -9.50 13.79
N SER A 209 15.39 -8.18 13.94
CA SER A 209 14.38 -7.58 14.74
C SER A 209 13.63 -6.52 13.99
N VAL A 210 12.35 -6.40 14.35
CA VAL A 210 11.59 -5.20 13.99
C VAL A 210 12.23 -3.97 14.51
N VAL A 211 11.84 -2.82 14.00
CA VAL A 211 12.59 -1.64 14.33
C VAL A 211 11.77 -0.62 15.14
N ILE A 212 10.49 -0.84 15.30
CA ILE A 212 9.69 -0.08 16.23
C ILE A 212 9.08 -1.03 17.27
N LYS A 213 8.90 -0.48 18.48
CA LYS A 213 8.43 -1.27 19.61
C LYS A 213 6.94 -1.56 19.62
N PRO A 214 6.07 -0.55 19.35
CA PRO A 214 4.63 -0.80 19.37
C PRO A 214 4.15 -1.80 18.33
N LYS A 215 3.04 -2.46 18.61
N LYS A 215 3.04 -2.46 18.61
CA LYS A 215 2.35 -3.30 17.62
CA LYS A 215 2.36 -3.28 17.60
C LYS A 215 3.23 -4.35 16.97
C LYS A 215 3.23 -4.35 16.97
N GLN A 216 4.14 -4.95 17.75
CA GLN A 216 5.03 -5.98 17.22
C GLN A 216 5.74 -5.54 15.92
N GLY A 217 6.04 -4.24 15.81
CA GLY A 217 6.80 -3.63 14.73
C GLY A 217 6.00 -3.06 13.60
N PHE A 218 4.71 -3.30 13.59
CA PHE A 218 3.82 -2.88 12.47
C PHE A 218 3.56 -1.40 12.63
N GLY A 219 3.64 -0.65 11.56
CA GLY A 219 3.43 0.80 11.57
C GLY A 219 3.14 1.36 10.22
N GLY A 220 2.76 2.60 10.17
CA GLY A 220 2.48 3.19 8.92
C GLY A 220 3.69 3.63 8.19
N LEU A 221 3.66 3.48 6.87
CA LEU A 221 4.75 3.83 5.97
C LEU A 221 4.58 5.18 5.31
N GLY A 222 5.70 5.90 5.25
CA GLY A 222 5.77 7.12 4.51
C GLY A 222 7.03 7.18 3.70
N GLY A 223 7.17 8.18 2.84
CA GLY A 223 8.34 8.40 2.05
C GLY A 223 8.34 7.79 0.64
N LYS A 224 9.52 7.39 0.17
CA LYS A 224 9.61 6.95 -1.14
C LYS A 224 8.75 5.75 -1.53
N TYR A 225 8.58 4.89 -0.52
CA TYR A 225 7.75 3.71 -0.67
C TYR A 225 6.41 4.02 -1.27
N ILE A 226 5.82 5.22 -0.92
CA ILE A 226 4.40 5.44 -1.08
C ILE A 226 4.06 6.43 -2.17
N LEU A 227 5.04 6.94 -2.90
CA LEU A 227 4.70 8.03 -3.86
C LEU A 227 3.68 7.60 -4.92
N PRO A 228 3.85 6.43 -5.58
CA PRO A 228 2.81 6.07 -6.61
C PRO A 228 1.41 5.88 -6.01
N THR A 229 1.33 5.32 -4.77
CA THR A 229 0.10 5.18 -4.02
C THR A 229 -0.55 6.54 -3.78
N ALA A 230 0.27 7.44 -3.31
CA ALA A 230 -0.21 8.78 -3.03
C ALA A 230 -0.73 9.50 -4.28
N LEU A 231 0.04 9.43 -5.37
CA LEU A 231 -0.35 10.03 -6.63
C LEU A 231 -1.70 9.50 -7.14
N ALA A 232 -1.84 8.17 -7.03
CA ALA A 232 -3.05 7.50 -7.44
C ALA A 232 -4.27 7.97 -6.63
N ASN A 233 -4.12 8.10 -5.31
CA ASN A 233 -5.21 8.62 -4.52
C ASN A 233 -5.54 10.11 -4.82
N VAL A 234 -4.49 10.89 -4.94
CA VAL A 234 -4.73 12.31 -5.32
C VAL A 234 -5.54 12.39 -6.63
N ASN A 235 -5.12 11.63 -7.63
CA ASN A 235 -5.78 11.74 -8.92
C ASN A 235 -7.16 11.11 -8.90
N ALA A 236 -7.36 9.99 -8.17
CA ALA A 236 -8.65 9.39 -8.10
C ALA A 236 -9.66 10.32 -7.48
N PHE A 237 -9.32 10.98 -6.39
CA PHE A 237 -10.20 11.97 -5.73
C PHE A 237 -10.31 13.23 -6.52
N TYR A 238 -9.25 13.67 -7.17
CA TYR A 238 -9.32 14.83 -8.05
C TYR A 238 -10.42 14.62 -9.12
N ARG A 239 -10.41 13.45 -9.73
CA ARG A 239 -11.36 13.14 -10.80
C ARG A 239 -12.77 13.00 -10.21
N ARG A 240 -12.93 12.45 -9.04
CA ARG A 240 -14.27 12.12 -8.48
C ARG A 240 -14.86 13.27 -7.73
N CYS A 241 -14.12 14.29 -7.32
CA CYS A 241 -14.64 15.35 -6.41
C CYS A 241 -14.31 16.67 -7.07
N PRO A 242 -15.01 17.00 -8.13
CA PRO A 242 -14.66 18.21 -8.88
C PRO A 242 -15.00 19.50 -8.16
N ASP A 243 -15.87 19.49 -7.17
CA ASP A 243 -16.22 20.65 -6.43
C ASP A 243 -15.44 20.79 -5.14
N LYS A 244 -14.43 19.96 -4.98
CA LYS A 244 -13.50 20.02 -3.85
C LYS A 244 -12.03 20.26 -4.29
N LEU A 245 -11.23 20.76 -3.38
CA LEU A 245 -9.81 20.73 -3.50
C LEU A 245 -9.25 19.41 -3.00
N VAL A 246 -8.16 18.99 -3.61
CA VAL A 246 -7.37 17.87 -3.14
C VAL A 246 -5.98 18.37 -2.74
N PHE A 247 -5.55 17.99 -1.56
CA PHE A 247 -4.21 18.29 -1.06
C PHE A 247 -3.42 16.97 -1.15
N GLY A 248 -2.24 17.05 -1.70
CA GLY A 248 -1.41 15.85 -1.89
C GLY A 248 -0.42 15.71 -0.76
N CYS A 249 -0.26 14.47 -0.30
CA CYS A 249 0.69 14.12 0.72
C CYS A 249 1.21 12.70 0.42
N GLY A 250 2.52 12.49 0.45
CA GLY A 250 3.09 11.18 0.32
C GLY A 250 4.24 11.20 -0.64
N GLY A 251 5.41 10.90 -0.10
CA GLY A 251 6.55 10.71 -0.96
C GLY A 251 7.19 11.89 -1.55
N VAL A 252 6.90 13.11 -1.04
CA VAL A 252 7.54 14.30 -1.61
C VAL A 252 8.91 14.53 -0.93
N TYR A 253 9.95 14.40 -1.74
CA TYR A 253 11.33 14.76 -1.37
C TYR A 253 11.89 15.84 -2.22
N SER A 254 11.30 16.22 -3.31
CA SER A 254 11.88 17.16 -4.29
C SER A 254 10.79 17.94 -4.97
N GLY A 255 11.22 19.02 -5.63
CA GLY A 255 10.30 19.76 -6.41
C GLY A 255 9.67 18.97 -7.58
N GLU A 256 10.38 18.00 -8.13
CA GLU A 256 9.82 17.13 -9.11
C GLU A 256 8.67 16.29 -8.52
N ASP A 257 8.87 15.78 -7.32
CA ASP A 257 7.82 14.97 -6.70
C ASP A 257 6.57 15.87 -6.48
N ALA A 258 6.77 17.09 -6.00
CA ALA A 258 5.67 18.04 -5.84
C ALA A 258 4.99 18.33 -7.19
N PHE A 259 5.78 18.52 -8.27
CA PHE A 259 5.24 18.65 -9.58
C PHE A 259 4.30 17.55 -10.00
N LEU A 260 4.74 16.29 -9.69
CA LEU A 260 3.92 15.14 -9.98
C LEU A 260 2.56 15.16 -9.23
N HIS A 261 2.62 15.54 -7.93
CA HIS A 261 1.43 15.65 -7.11
C HIS A 261 0.48 16.69 -7.73
N ILE A 262 1.05 17.83 -8.15
CA ILE A 262 0.22 18.88 -8.71
C ILE A 262 -0.39 18.43 -10.07
N LEU A 263 0.42 17.80 -10.90
CA LEU A 263 -0.07 17.23 -12.17
C LEU A 263 -1.26 16.30 -11.90
N ALA A 264 -1.19 15.49 -10.81
CA ALA A 264 -2.24 14.54 -10.45
C ALA A 264 -3.48 15.28 -9.95
N GLY A 265 -3.36 16.56 -9.53
CA GLY A 265 -4.46 17.26 -9.00
C GLY A 265 -4.25 18.11 -7.74
N ALA A 266 -3.12 17.98 -7.08
CA ALA A 266 -2.96 18.65 -5.78
C ALA A 266 -2.93 20.16 -5.89
N SER A 267 -3.61 20.70 -4.89
CA SER A 267 -3.62 22.14 -4.57
C SER A 267 -2.51 22.51 -3.64
N MET A 268 -2.53 22.00 -2.44
CA MET A 268 -1.40 22.09 -1.55
C MET A 268 -0.67 20.78 -1.58
N VAL A 269 0.60 20.81 -1.19
CA VAL A 269 1.48 19.64 -1.18
C VAL A 269 2.16 19.57 0.21
N GLN A 270 1.85 18.50 0.90
CA GLN A 270 2.30 18.31 2.27
C GLN A 270 3.53 17.38 2.32
N VAL A 271 4.41 17.66 3.23
CA VAL A 271 5.73 16.99 3.32
C VAL A 271 5.91 16.42 4.74
N GLY A 272 6.01 15.10 4.85
CA GLY A 272 6.08 14.38 6.10
C GLY A 272 7.52 13.86 6.31
N THR A 273 7.78 12.58 5.96
CA THR A 273 9.07 11.94 6.11
C THR A 273 10.19 12.86 5.69
N ALA A 274 10.17 13.46 4.50
CA ALA A 274 11.31 14.15 4.07
C ALA A 274 11.64 15.40 4.96
N LEU A 275 10.60 15.99 5.51
CA LEU A 275 10.72 17.12 6.41
C LEU A 275 11.28 16.64 7.79
N GLN A 276 10.75 15.52 8.26
CA GLN A 276 11.26 14.91 9.46
C GLN A 276 12.79 14.67 9.32
N GLU A 277 13.26 14.19 8.14
CA GLU A 277 14.60 13.82 8.00
C GLU A 277 15.49 15.05 7.69
N GLU A 278 15.04 16.01 6.85
CA GLU A 278 15.89 17.07 6.37
C GLU A 278 15.75 18.33 7.23
N GLY A 279 14.63 18.50 7.86
CA GLY A 279 14.35 19.70 8.58
C GLY A 279 13.70 20.75 7.70
N PRO A 280 13.36 21.92 8.30
CA PRO A 280 12.56 22.92 7.61
C PRO A 280 13.21 23.66 6.50
N GLY A 281 14.53 23.57 6.42
CA GLY A 281 15.23 24.04 5.25
C GLY A 281 14.73 23.44 3.94
N ILE A 282 14.14 22.26 4.02
CA ILE A 282 13.59 21.61 2.84
C ILE A 282 12.69 22.51 2.04
N PHE A 283 11.96 23.42 2.71
CA PHE A 283 10.91 24.22 1.98
C PHE A 283 11.53 25.16 0.98
N THR A 284 12.69 25.75 1.27
CA THR A 284 13.27 26.60 0.26
C THR A 284 13.77 25.81 -0.94
N ARG A 285 14.30 24.63 -0.71
CA ARG A 285 14.76 23.73 -1.76
C ARG A 285 13.60 23.25 -2.64
N LEU A 286 12.57 22.76 -2.03
CA LEU A 286 11.33 22.40 -2.78
C LEU A 286 10.80 23.53 -3.67
N GLU A 287 10.74 24.72 -3.13
N GLU A 287 10.75 24.72 -3.12
CA GLU A 287 10.20 25.82 -3.91
CA GLU A 287 10.25 25.83 -3.90
C GLU A 287 11.13 26.16 -5.08
C GLU A 287 11.14 26.13 -5.09
N ASP A 288 12.44 26.16 -4.84
CA ASP A 288 13.39 26.50 -5.88
C ASP A 288 13.28 25.42 -6.94
N GLU A 289 13.24 24.15 -6.54
CA GLU A 289 13.20 23.05 -7.52
C GLU A 289 11.91 23.07 -8.34
N LEU A 290 10.81 23.34 -7.72
CA LEU A 290 9.54 23.42 -8.45
C LEU A 290 9.53 24.57 -9.45
N LEU A 291 10.04 25.75 -9.02
CA LEU A 291 10.15 26.87 -9.93
C LEU A 291 11.08 26.55 -11.08
N GLU A 292 12.16 25.82 -10.86
CA GLU A 292 13.10 25.47 -11.96
C GLU A 292 12.42 24.52 -13.00
N ILE A 293 11.64 23.54 -12.54
CA ILE A 293 10.96 22.62 -13.46
C ILE A 293 9.91 23.42 -14.26
N MET A 294 9.17 24.28 -13.57
CA MET A 294 8.20 25.18 -14.25
C MET A 294 8.90 25.98 -15.34
N ALA A 295 10.01 26.65 -14.99
CA ALA A 295 10.73 27.54 -15.95
C ALA A 295 11.17 26.75 -17.14
N ARG A 296 11.70 25.56 -16.92
CA ARG A 296 12.21 24.72 -18.04
C ARG A 296 11.03 24.38 -18.98
N LYS A 297 9.85 24.13 -18.47
CA LYS A 297 8.69 23.73 -19.19
C LYS A 297 7.90 24.93 -19.78
N GLY A 298 8.19 26.15 -19.38
CA GLY A 298 7.40 27.28 -19.82
C GLY A 298 6.14 27.53 -19.03
N TYR A 299 5.96 26.89 -17.84
CA TYR A 299 4.80 27.16 -17.04
C TYR A 299 5.03 28.36 -16.11
N ARG A 300 4.06 29.23 -16.08
CA ARG A 300 4.14 30.43 -15.25
C ARG A 300 3.25 30.32 -14.03
N THR A 301 2.27 29.39 -14.03
CA THR A 301 1.36 29.23 -12.91
C THR A 301 1.15 27.76 -12.64
N LEU A 302 0.69 27.46 -11.41
CA LEU A 302 0.33 26.13 -11.01
C LEU A 302 -0.93 25.70 -11.70
N GLU A 303 -1.83 26.65 -11.95
CA GLU A 303 -3.09 26.32 -12.65
C GLU A 303 -2.88 25.81 -14.08
N GLU A 304 -1.83 26.21 -14.72
CA GLU A 304 -1.53 25.77 -16.09
C GLU A 304 -1.41 24.24 -16.16
N PHE A 305 -0.95 23.61 -15.06
CA PHE A 305 -0.75 22.14 -15.12
C PHE A 305 -1.42 21.31 -14.02
N ARG A 306 -2.09 21.92 -13.04
CA ARG A 306 -2.75 21.21 -12.00
C ARG A 306 -3.81 20.28 -12.62
N GLY A 307 -3.71 18.99 -12.31
CA GLY A 307 -4.67 18.03 -12.75
C GLY A 307 -4.47 17.63 -14.20
N ARG A 308 -3.42 18.05 -14.85
CA ARG A 308 -3.29 17.89 -16.28
C ARG A 308 -2.40 16.75 -16.69
N VAL A 309 -2.23 15.79 -15.77
CA VAL A 309 -1.55 14.56 -16.17
C VAL A 309 -2.22 13.99 -17.42
N LYS A 310 -1.38 13.59 -18.37
CA LYS A 310 -1.84 13.00 -19.58
C LYS A 310 -1.97 11.48 -19.49
N THR A 311 -3.04 10.95 -20.04
CA THR A 311 -3.22 9.49 -20.19
C THR A 311 -2.86 9.07 -21.58
N ILE A 312 -2.69 7.77 -21.81
CA ILE A 312 -2.24 7.31 -23.12
C ILE A 312 -3.50 6.84 -23.89
N GLU A 313 -3.77 7.44 -25.06
CA GLU A 313 -5.17 7.50 -25.63
C GLU A 313 -6.09 8.24 -24.63
N MET B 1 25.37 -26.71 5.61
N MET B 1 25.72 -25.97 5.25
CA MET B 1 24.47 -25.58 5.30
CA MET B 1 24.47 -25.26 5.21
C MET B 1 23.61 -25.89 4.09
C MET B 1 23.61 -25.90 4.13
N CYS B 2 22.33 -25.53 4.22
CA CYS B 2 21.26 -26.12 3.45
C CYS B 2 20.06 -25.20 3.17
N LEU B 3 19.68 -25.07 1.90
CA LEU B 3 18.46 -24.35 1.51
C LEU B 3 17.23 -25.24 1.23
N LYS B 4 17.34 -26.55 1.42
CA LYS B 4 16.29 -27.51 1.10
C LYS B 4 15.07 -27.28 1.97
N LEU B 5 13.91 -27.49 1.37
CA LEU B 5 12.67 -27.47 2.10
C LEU B 5 11.82 -28.77 1.76
N ASN B 6 10.96 -29.42 2.58
N ASN B 6 10.93 -29.41 2.56
CA ASN B 6 10.12 -30.47 2.23
CA ASN B 6 10.11 -30.53 2.25
C ASN B 6 8.78 -30.01 2.79
C ASN B 6 8.78 -30.04 2.79
N LEU B 7 7.90 -29.64 1.89
CA LEU B 7 6.56 -29.21 2.26
C LEU B 7 5.53 -29.58 1.23
N LEU B 8 4.28 -29.66 1.66
CA LEU B 8 3.20 -30.01 0.75
C LEU B 8 3.51 -31.34 -0.01
N ASP B 9 4.20 -32.23 0.71
CA ASP B 9 4.57 -33.54 0.16
C ASP B 9 5.46 -33.47 -1.11
N HIS B 10 6.24 -32.39 -1.20
CA HIS B 10 7.28 -32.21 -2.22
C HIS B 10 8.56 -31.77 -1.59
N VAL B 11 9.63 -31.95 -2.33
CA VAL B 11 10.97 -31.54 -1.97
C VAL B 11 11.42 -30.43 -2.92
N PHE B 12 12.01 -29.37 -2.33
CA PHE B 12 12.40 -28.17 -3.01
C PHE B 12 13.89 -27.98 -2.73
N ALA B 13 14.68 -27.74 -3.75
CA ALA B 13 16.11 -27.51 -3.55
C ALA B 13 16.46 -26.28 -2.76
N ASN B 14 15.59 -25.29 -2.94
CA ASN B 14 15.75 -24.01 -2.30
C ASN B 14 14.34 -23.35 -2.31
N PRO B 15 14.17 -22.24 -1.61
CA PRO B 15 12.81 -21.63 -1.43
C PRO B 15 12.37 -20.76 -2.59
N PHE B 16 13.25 -20.55 -3.55
CA PHE B 16 12.97 -19.51 -4.56
C PHE B 16 12.17 -19.99 -5.70
N MET B 17 11.27 -19.16 -6.21
CA MET B 17 10.47 -19.47 -7.38
C MET B 17 10.03 -18.13 -8.01
N ASN B 18 9.58 -18.17 -9.25
CA ASN B 18 8.98 -16.97 -9.82
C ASN B 18 7.69 -16.67 -9.08
N ALA B 19 7.29 -15.38 -9.13
CA ALA B 19 5.96 -14.95 -8.81
C ALA B 19 5.04 -15.20 -10.03
N ALA B 20 3.79 -15.57 -9.79
CA ALA B 20 2.91 -15.78 -10.90
C ALA B 20 2.84 -14.55 -11.78
N GLY B 21 2.84 -14.81 -13.07
CA GLY B 21 2.78 -13.78 -14.09
C GLY B 21 4.14 -13.40 -14.68
N VAL B 22 5.19 -13.69 -13.97
CA VAL B 22 6.50 -13.39 -14.46
C VAL B 22 7.22 -14.65 -14.99
N LEU B 23 7.67 -14.58 -16.25
CA LEU B 23 8.40 -15.68 -16.89
C LEU B 23 7.69 -17.03 -16.83
N CYS B 24 6.41 -17.01 -17.16
CA CYS B 24 5.58 -18.21 -17.01
C CYS B 24 4.33 -18.33 -17.90
N SER B 25 4.26 -17.53 -18.94
CA SER B 25 3.08 -17.54 -19.78
C SER B 25 3.07 -18.56 -20.90
N THR B 26 4.22 -18.76 -21.52
CA THR B 26 4.36 -19.61 -22.68
C THR B 26 5.12 -20.89 -22.31
N GLU B 27 5.11 -21.87 -23.18
CA GLU B 27 5.89 -23.08 -22.95
C GLU B 27 7.38 -22.70 -22.83
N GLU B 28 7.79 -21.78 -23.68
CA GLU B 28 9.16 -21.31 -23.64
C GLU B 28 9.52 -20.73 -22.27
N ASP B 29 8.64 -19.91 -21.72
CA ASP B 29 8.87 -19.35 -20.43
C ASP B 29 8.95 -20.45 -19.36
N LEU B 30 8.03 -21.41 -19.40
CA LEU B 30 8.00 -22.45 -18.41
C LEU B 30 9.24 -23.38 -18.47
N ARG B 31 9.68 -23.70 -19.68
CA ARG B 31 10.92 -24.42 -19.87
C ARG B 31 12.10 -23.62 -19.35
N CYS B 32 12.13 -22.32 -19.55
CA CYS B 32 13.17 -21.47 -19.01
C CYS B 32 13.20 -21.47 -17.51
N MET B 33 12.02 -21.25 -16.90
CA MET B 33 11.96 -21.37 -15.44
C MET B 33 12.40 -22.72 -14.94
N THR B 34 12.05 -23.78 -15.64
CA THR B 34 12.42 -25.15 -15.20
C THR B 34 13.93 -25.27 -15.30
N ALA B 35 14.55 -24.72 -16.34
CA ALA B 35 16.01 -24.85 -16.52
C ALA B 35 16.81 -23.96 -15.54
N SER B 36 16.17 -22.99 -14.93
CA SER B 36 16.82 -22.16 -13.93
C SER B 36 17.15 -22.87 -12.63
N SER B 37 17.87 -22.17 -11.77
CA SER B 37 18.20 -22.72 -10.45
C SER B 37 17.08 -22.55 -9.42
N SER B 38 15.93 -22.00 -9.81
CA SER B 38 14.85 -21.94 -8.87
C SER B 38 14.45 -23.24 -8.27
N GLY B 39 13.93 -23.20 -7.05
CA GLY B 39 13.42 -24.42 -6.36
C GLY B 39 12.08 -24.88 -6.86
N ALA B 40 11.28 -23.98 -7.44
CA ALA B 40 9.97 -24.29 -8.05
C ALA B 40 9.60 -23.29 -9.10
N LEU B 41 8.48 -23.51 -9.76
CA LEU B 41 7.90 -22.49 -10.67
C LEU B 41 6.42 -22.50 -10.56
N VAL B 42 5.81 -21.37 -10.90
CA VAL B 42 4.34 -21.27 -11.02
C VAL B 42 3.99 -20.73 -12.37
N SER B 43 2.89 -21.25 -12.94
CA SER B 43 2.40 -20.75 -14.21
C SER B 43 1.63 -19.48 -14.12
N LYS B 44 1.55 -18.77 -15.25
CA LYS B 44 0.72 -17.56 -15.35
C LYS B 44 -0.73 -17.84 -14.93
N SER B 45 -1.36 -16.93 -14.17
CA SER B 45 -2.76 -17.11 -13.81
C SER B 45 -3.56 -17.28 -15.07
N CYS B 46 -4.39 -18.33 -15.13
CA CYS B 46 -5.19 -18.61 -16.27
C CYS B 46 -6.72 -18.49 -16.07
N THR B 47 -7.34 -18.32 -17.25
CA THR B 47 -8.77 -18.31 -17.40
C THR B 47 -9.13 -19.50 -18.27
N SER B 48 -10.44 -19.76 -18.33
N SER B 48 -10.43 -19.80 -18.35
CA SER B 48 -10.87 -20.90 -19.17
CA SER B 48 -10.77 -20.98 -19.19
C SER B 48 -10.52 -20.75 -20.62
C SER B 48 -10.49 -20.75 -20.65
N ALA B 49 -10.78 -19.55 -21.15
CA ALA B 49 -10.38 -19.22 -22.52
C ALA B 49 -9.12 -18.43 -22.58
N PRO B 50 -8.38 -18.52 -23.72
CA PRO B 50 -7.21 -17.69 -23.88
C PRO B 50 -7.64 -16.20 -23.86
N ARG B 51 -6.71 -15.35 -23.41
CA ARG B 51 -6.93 -13.87 -23.38
C ARG B 51 -5.73 -13.16 -23.94
N ASP B 52 -5.98 -12.09 -24.71
CA ASP B 52 -4.88 -11.25 -25.21
C ASP B 52 -4.39 -10.23 -24.14
N GLY B 53 -5.23 -9.94 -23.16
CA GLY B 53 -4.90 -8.98 -22.15
C GLY B 53 -5.12 -7.58 -22.70
N ASN B 54 -4.66 -6.64 -21.89
CA ASN B 54 -4.83 -5.22 -22.11
C ASN B 54 -3.89 -4.69 -23.19
N PRO B 55 -4.31 -3.46 -23.69
CA PRO B 55 -3.36 -2.85 -24.62
C PRO B 55 -2.05 -2.37 -23.99
N GLU B 56 -1.02 -2.40 -24.80
CA GLU B 56 0.30 -1.96 -24.43
C GLU B 56 0.41 -0.46 -24.61
N PRO B 57 1.32 0.27 -23.84
CA PRO B 57 2.09 -0.40 -22.78
C PRO B 57 1.33 -0.74 -21.50
N ARG B 58 1.63 -1.89 -20.92
CA ARG B 58 0.86 -2.39 -19.79
C ARG B 58 1.71 -2.83 -18.58
N TYR B 59 3.02 -2.83 -18.79
CA TYR B 59 4.04 -3.03 -17.77
C TYR B 59 5.16 -2.02 -17.95
N MET B 60 5.56 -1.41 -16.86
CA MET B 60 6.75 -0.60 -16.84
C MET B 60 7.52 -0.79 -15.52
N ALA B 61 8.83 -0.72 -15.63
CA ALA B 61 9.68 -0.80 -14.45
C ALA B 61 10.68 0.36 -14.35
N PHE B 62 11.08 0.60 -13.10
CA PHE B 62 11.81 1.83 -12.68
C PHE B 62 12.69 1.38 -11.52
N PRO B 63 13.59 2.27 -11.05
CA PRO B 63 14.52 1.85 -10.05
C PRO B 63 13.87 1.31 -8.81
N LEU B 64 12.70 1.80 -8.41
CA LEU B 64 12.12 1.35 -7.16
C LEU B 64 11.09 0.24 -7.36
N GLY B 65 10.82 -0.14 -8.60
CA GLY B 65 9.81 -1.20 -8.80
C GLY B 65 9.08 -1.12 -10.09
N SER B 66 7.91 -1.72 -10.18
CA SER B 66 7.14 -1.81 -11.43
C SER B 66 5.70 -1.48 -11.20
N ILE B 67 5.01 -1.20 -12.29
CA ILE B 67 3.57 -1.02 -12.33
C ILE B 67 3.01 -1.85 -13.49
N ASN B 68 1.89 -2.51 -13.32
CA ASN B 68 1.25 -3.26 -14.42
C ASN B 68 -0.26 -3.26 -14.38
N SER B 69 -0.86 -3.24 -15.55
N SER B 69 -0.87 -3.27 -15.56
CA SER B 69 -2.22 -3.70 -15.73
CA SER B 69 -2.26 -3.66 -15.69
C SER B 69 -2.23 -4.60 -16.92
C SER B 69 -2.31 -4.61 -16.89
N MET B 70 -1.77 -5.80 -16.75
CA MET B 70 -1.58 -6.69 -17.84
C MET B 70 -2.92 -7.11 -18.44
N GLY B 71 -3.95 -7.25 -17.59
CA GLY B 71 -5.28 -7.68 -18.00
C GLY B 71 -5.44 -9.16 -18.20
N LEU B 72 -4.67 -9.93 -17.49
CA LEU B 72 -4.74 -11.38 -17.47
C LEU B 72 -4.50 -12.05 -18.84
N PRO B 73 -3.52 -11.62 -19.58
CA PRO B 73 -3.21 -12.31 -20.85
C PRO B 73 -2.72 -13.71 -20.47
N ASN B 74 -3.23 -14.71 -21.17
CA ASN B 74 -2.76 -16.09 -20.93
C ASN B 74 -3.22 -16.98 -22.06
N LEU B 75 -2.62 -18.15 -22.12
CA LEU B 75 -2.92 -19.10 -23.18
C LEU B 75 -4.17 -19.98 -22.97
N GLY B 76 -4.77 -19.83 -21.82
CA GLY B 76 -5.96 -20.56 -21.45
C GLY B 76 -5.67 -21.81 -20.66
N PHE B 77 -6.65 -22.25 -19.90
CA PHE B 77 -6.45 -23.34 -18.98
C PHE B 77 -5.97 -24.62 -19.63
N ASP B 78 -6.51 -24.93 -20.78
CA ASP B 78 -6.19 -26.20 -21.36
C ASP B 78 -4.66 -26.27 -21.60
N PHE B 79 -4.07 -25.18 -22.00
CA PHE B 79 -2.65 -25.16 -22.23
C PHE B 79 -1.84 -25.44 -20.96
N TYR B 80 -2.18 -24.76 -19.89
CA TYR B 80 -1.45 -24.93 -18.66
C TYR B 80 -1.66 -26.32 -18.07
N LEU B 81 -2.88 -26.83 -18.23
CA LEU B 81 -3.18 -28.21 -17.84
C LEU B 81 -2.40 -29.27 -18.61
N LYS B 82 -2.24 -29.04 -19.88
N LYS B 82 -2.26 -29.04 -19.89
CA LYS B 82 -1.43 -29.90 -20.75
CA LYS B 82 -1.41 -29.90 -20.75
C LYS B 82 0.05 -29.83 -20.33
C LYS B 82 0.05 -29.84 -20.31
N TYR B 83 0.52 -28.64 -20.02
CA TYR B 83 1.89 -28.45 -19.58
C TYR B 83 2.08 -29.29 -18.29
N ALA B 84 1.13 -29.16 -17.34
CA ALA B 84 1.20 -29.93 -16.08
C ALA B 84 1.12 -31.43 -16.30
N SER B 85 0.24 -31.82 -17.20
N SER B 85 0.22 -31.83 -17.17
CA SER B 85 -0.05 -33.21 -17.38
CA SER B 85 -0.05 -33.23 -17.32
C SER B 85 1.00 -33.96 -18.22
C SER B 85 0.99 -33.97 -18.21
N ASP B 86 1.53 -33.31 -19.26
CA ASP B 86 2.31 -33.99 -20.30
C ASP B 86 3.69 -33.43 -20.49
N LEU B 87 3.97 -32.13 -20.20
CA LEU B 87 5.23 -31.53 -20.59
C LEU B 87 6.25 -31.28 -19.47
N HIS B 88 5.77 -30.87 -18.31
CA HIS B 88 6.63 -30.61 -17.20
C HIS B 88 7.46 -31.83 -16.77
N ASP B 89 8.73 -31.57 -16.54
CA ASP B 89 9.57 -32.56 -15.91
C ASP B 89 9.63 -32.34 -14.43
N TYR B 90 8.84 -33.11 -13.71
CA TYR B 90 8.73 -33.04 -12.30
C TYR B 90 10.03 -33.52 -11.62
N SER B 91 10.92 -34.17 -12.34
CA SER B 91 12.20 -34.57 -11.68
C SER B 91 13.09 -33.32 -11.51
N LYS B 92 12.83 -32.26 -12.25
CA LYS B 92 13.61 -31.05 -12.08
C LYS B 92 13.19 -30.24 -10.86
N LYS B 93 11.90 -29.99 -10.71
CA LYS B 93 11.38 -29.26 -9.59
C LYS B 93 9.85 -29.31 -9.58
N PRO B 94 9.23 -28.88 -8.49
CA PRO B 94 7.78 -28.82 -8.43
C PRO B 94 7.19 -27.72 -9.23
N LEU B 95 6.00 -27.99 -9.68
CA LEU B 95 5.20 -27.02 -10.45
C LEU B 95 3.95 -26.63 -9.68
N PHE B 96 3.67 -25.31 -9.61
CA PHE B 96 2.42 -24.78 -9.23
C PHE B 96 1.67 -24.22 -10.46
N LEU B 97 0.39 -24.41 -10.45
CA LEU B 97 -0.50 -23.82 -11.48
C LEU B 97 -1.40 -22.81 -10.87
N SER B 98 -1.32 -21.59 -11.37
CA SER B 98 -2.16 -20.51 -10.85
C SER B 98 -3.45 -20.40 -11.69
N ILE B 99 -4.55 -20.31 -11.02
CA ILE B 99 -5.83 -20.06 -11.71
C ILE B 99 -6.45 -18.76 -11.25
N SER B 100 -7.09 -18.01 -12.16
CA SER B 100 -7.69 -16.73 -11.78
C SER B 100 -8.97 -16.56 -12.63
N GLY B 101 -9.93 -17.42 -12.44
CA GLY B 101 -11.22 -17.30 -13.06
C GLY B 101 -11.93 -16.02 -12.69
N LEU B 102 -12.71 -15.55 -13.65
CA LEU B 102 -13.40 -14.28 -13.52
C LEU B 102 -14.81 -14.38 -12.90
N SER B 103 -15.16 -15.58 -12.46
CA SER B 103 -16.35 -15.86 -11.69
C SER B 103 -16.07 -17.10 -10.90
N VAL B 104 -16.86 -17.36 -9.86
CA VAL B 104 -16.67 -18.61 -9.09
C VAL B 104 -16.94 -19.82 -9.95
N GLU B 105 -17.91 -19.78 -10.89
CA GLU B 105 -18.13 -20.91 -11.73
C GLU B 105 -16.98 -21.28 -12.63
N GLU B 106 -16.32 -20.25 -13.21
CA GLU B 106 -15.13 -20.50 -14.02
C GLU B 106 -13.99 -21.20 -13.20
N ASN B 107 -13.81 -20.74 -11.97
CA ASN B 107 -12.80 -21.41 -11.09
C ASN B 107 -13.19 -22.83 -10.81
N VAL B 108 -14.48 -23.08 -10.45
CA VAL B 108 -14.96 -24.42 -10.24
C VAL B 108 -14.70 -25.32 -11.45
N ALA B 109 -14.98 -24.83 -12.64
CA ALA B 109 -14.84 -25.64 -13.85
C ALA B 109 -13.38 -26.07 -14.08
N MET B 110 -12.49 -25.11 -13.82
CA MET B 110 -11.06 -25.38 -13.89
C MET B 110 -10.55 -26.36 -12.84
N VAL B 111 -10.96 -26.17 -11.59
CA VAL B 111 -10.39 -27.01 -10.55
C VAL B 111 -11.01 -28.39 -10.69
N ARG B 112 -12.12 -28.58 -11.14
N ARG B 112 -12.13 -28.56 -11.13
CA ARG B 112 -12.62 -29.97 -11.28
CA ARG B 112 -12.66 -29.93 -11.31
C ARG B 112 -11.78 -30.77 -12.27
C ARG B 112 -11.78 -30.75 -12.26
N ARG B 113 -11.37 -30.13 -13.35
CA ARG B 113 -10.46 -30.73 -14.29
C ARG B 113 -8.96 -30.82 -13.92
N LEU B 114 -8.50 -29.90 -13.11
CA LEU B 114 -7.17 -29.96 -12.53
C LEU B 114 -6.95 -31.12 -11.54
N ALA B 115 -7.98 -31.39 -10.78
CA ALA B 115 -7.92 -32.36 -9.64
C ALA B 115 -7.26 -33.68 -10.04
N PRO B 116 -7.69 -34.30 -11.11
CA PRO B 116 -7.04 -35.60 -11.36
C PRO B 116 -5.56 -35.51 -11.74
N VAL B 117 -5.18 -34.41 -12.38
CA VAL B 117 -3.79 -34.25 -12.79
C VAL B 117 -2.95 -33.86 -11.52
N ALA B 118 -3.53 -33.06 -10.65
CA ALA B 118 -2.94 -32.82 -9.33
C ALA B 118 -2.66 -34.11 -8.61
N GLN B 119 -3.67 -34.99 -8.61
CA GLN B 119 -3.52 -36.25 -7.88
C GLN B 119 -2.50 -37.13 -8.55
N GLU B 120 -2.51 -37.25 -9.85
CA GLU B 120 -1.58 -38.12 -10.52
C GLU B 120 -0.16 -37.63 -10.61
N LYS B 121 -0.01 -36.33 -10.95
CA LYS B 121 1.30 -35.73 -11.27
C LYS B 121 1.89 -34.83 -10.12
N GLY B 122 1.05 -34.36 -9.22
CA GLY B 122 1.49 -33.62 -8.06
C GLY B 122 1.63 -32.12 -8.35
N VAL B 123 1.12 -31.61 -9.48
CA VAL B 123 1.01 -30.16 -9.65
C VAL B 123 0.18 -29.57 -8.51
N LEU B 124 0.60 -28.39 -8.01
CA LEU B 124 0.00 -27.69 -6.89
C LEU B 124 -0.79 -26.46 -7.32
N LEU B 125 -1.99 -26.32 -6.84
CA LEU B 125 -2.85 -25.19 -7.23
C LEU B 125 -2.56 -23.96 -6.37
N GLU B 126 -2.41 -22.80 -7.01
CA GLU B 126 -2.42 -21.50 -6.33
C GLU B 126 -3.62 -20.75 -6.96
N LEU B 127 -4.66 -20.55 -6.14
CA LEU B 127 -5.85 -19.79 -6.54
C LEU B 127 -5.68 -18.31 -6.29
N ASN B 128 -5.75 -17.52 -7.37
CA ASN B 128 -5.62 -16.08 -7.24
C ASN B 128 -6.89 -15.46 -6.77
N LEU B 129 -6.87 -14.90 -5.56
CA LEU B 129 -8.06 -14.14 -5.08
C LEU B 129 -7.95 -12.66 -5.28
N SER B 130 -6.89 -12.15 -5.87
CA SER B 130 -6.82 -10.72 -6.09
C SER B 130 -7.20 -10.44 -7.50
N CYS B 131 -8.44 -10.43 -7.74
N CYS B 131 -8.42 -10.62 -7.78
CA CYS B 131 -9.04 -10.72 -9.00
CA CYS B 131 -9.01 -10.58 -9.10
C CYS B 131 -10.53 -10.21 -9.06
C CYS B 131 -10.43 -10.01 -9.02
N PRO B 132 -10.98 -9.51 -10.12
CA PRO B 132 -12.34 -9.02 -10.17
C PRO B 132 -13.37 -10.12 -10.10
N ASN B 133 -14.51 -9.78 -9.53
CA ASN B 133 -15.72 -10.58 -9.69
C ASN B 133 -16.73 -9.67 -10.39
N VAL B 134 -17.67 -9.08 -9.68
CA VAL B 134 -18.61 -8.15 -10.31
C VAL B 134 -17.94 -6.79 -10.39
N PRO B 135 -17.88 -6.23 -11.68
CA PRO B 135 -17.33 -4.87 -11.73
C PRO B 135 -18.16 -3.84 -10.94
N GLY B 136 -17.49 -2.93 -10.22
CA GLY B 136 -18.10 -2.04 -9.23
C GLY B 136 -18.12 -2.56 -7.84
N LYS B 137 -17.76 -3.85 -7.69
CA LYS B 137 -17.47 -4.30 -6.43
C LYS B 137 -15.94 -4.48 -6.27
N PRO B 138 -15.48 -4.60 -5.02
CA PRO B 138 -14.03 -4.81 -4.84
C PRO B 138 -13.54 -6.14 -5.38
N GLN B 139 -12.24 -6.24 -5.54
CA GLN B 139 -11.69 -7.54 -5.87
C GLN B 139 -12.10 -8.56 -4.80
N VAL B 140 -12.09 -9.84 -5.23
CA VAL B 140 -12.60 -10.94 -4.42
C VAL B 140 -12.05 -10.99 -2.96
N ALA B 141 -10.73 -10.85 -2.80
CA ALA B 141 -10.18 -10.87 -1.48
C ALA B 141 -10.39 -9.63 -0.62
N TYR B 142 -10.92 -8.54 -1.23
CA TYR B 142 -11.37 -7.41 -0.43
C TYR B 142 -12.89 -7.46 -0.20
N ASP B 143 -13.51 -8.57 -0.58
CA ASP B 143 -14.94 -8.80 -0.31
C ASP B 143 -15.06 -10.14 0.41
N PHE B 144 -15.13 -10.11 1.72
CA PHE B 144 -14.94 -11.31 2.54
C PHE B 144 -16.03 -12.33 2.30
N GLU B 145 -17.24 -11.85 2.06
CA GLU B 145 -18.29 -12.78 1.66
C GLU B 145 -18.05 -13.49 0.33
N ALA B 146 -17.60 -12.76 -0.68
CA ALA B 146 -17.23 -13.37 -1.91
C ALA B 146 -16.08 -14.33 -1.73
N MET B 147 -15.10 -13.94 -0.93
CA MET B 147 -13.98 -14.79 -0.73
C MET B 147 -14.39 -16.10 -0.08
N ARG B 148 -15.24 -16.05 0.92
CA ARG B 148 -15.74 -17.25 1.55
C ARG B 148 -16.47 -18.14 0.53
N THR B 149 -17.28 -17.53 -0.32
CA THR B 149 -17.98 -18.31 -1.33
C THR B 149 -17.01 -19.00 -2.29
N TYR B 150 -16.00 -18.28 -2.70
CA TYR B 150 -15.05 -18.85 -3.66
C TYR B 150 -14.35 -20.03 -3.03
N LEU B 151 -13.97 -19.87 -1.76
CA LEU B 151 -13.24 -20.96 -1.07
C LEU B 151 -14.09 -22.18 -0.74
N GLN B 152 -15.35 -21.96 -0.43
CA GLN B 152 -16.26 -23.09 -0.19
C GLN B 152 -16.45 -23.83 -1.50
N GLN B 153 -16.68 -23.11 -2.59
N GLN B 153 -16.71 -23.11 -2.60
CA GLN B 153 -16.93 -23.78 -3.86
CA GLN B 153 -16.97 -23.81 -3.87
C GLN B 153 -15.70 -24.51 -4.46
C GLN B 153 -15.70 -24.51 -4.49
N VAL B 154 -14.55 -23.88 -4.34
CA VAL B 154 -13.32 -24.48 -4.84
C VAL B 154 -12.93 -25.68 -3.96
N SER B 155 -13.06 -25.53 -2.64
CA SER B 155 -12.75 -26.67 -1.78
C SER B 155 -13.61 -27.89 -2.14
N LEU B 156 -14.88 -27.68 -2.33
CA LEU B 156 -15.78 -28.81 -2.67
C LEU B 156 -15.45 -29.39 -4.03
N ALA B 157 -15.22 -28.56 -5.04
CA ALA B 157 -14.92 -29.02 -6.37
C ALA B 157 -13.58 -29.67 -6.55
N TYR B 158 -12.58 -29.24 -5.76
CA TYR B 158 -11.23 -29.68 -5.98
C TYR B 158 -10.88 -30.86 -5.05
N GLY B 159 -11.19 -30.71 -3.80
CA GLY B 159 -11.08 -31.83 -2.85
C GLY B 159 -9.65 -32.22 -2.43
N LEU B 160 -8.65 -31.37 -2.74
CA LEU B 160 -7.25 -31.64 -2.50
C LEU B 160 -6.63 -30.37 -1.90
N PRO B 161 -5.49 -30.49 -1.20
CA PRO B 161 -4.78 -29.33 -0.67
C PRO B 161 -4.44 -28.33 -1.80
N PHE B 162 -4.64 -27.08 -1.48
CA PHE B 162 -4.34 -25.99 -2.44
C PHE B 162 -3.84 -24.79 -1.61
N GLY B 163 -3.47 -23.73 -2.35
CA GLY B 163 -3.15 -22.45 -1.69
C GLY B 163 -3.79 -21.31 -2.42
N VAL B 164 -3.63 -20.17 -1.81
CA VAL B 164 -4.30 -18.96 -2.22
C VAL B 164 -3.32 -17.79 -2.35
N LYS B 165 -3.43 -16.98 -3.39
CA LYS B 165 -2.60 -15.75 -3.58
C LYS B 165 -3.49 -14.59 -3.10
N MET B 166 -2.99 -13.85 -2.10
CA MET B 166 -3.69 -12.74 -1.45
C MET B 166 -3.15 -11.42 -1.85
N PRO B 167 -4.07 -10.42 -1.98
CA PRO B 167 -3.62 -9.04 -2.04
C PRO B 167 -3.10 -8.57 -0.68
N PRO B 168 -2.35 -7.51 -0.60
CA PRO B 168 -2.02 -6.94 0.68
C PRO B 168 -3.21 -6.29 1.36
N TYR B 169 -3.21 -6.35 2.68
CA TYR B 169 -4.10 -5.62 3.55
C TYR B 169 -3.31 -4.61 4.38
N PHE B 170 -4.01 -3.59 4.81
CA PHE B 170 -3.47 -2.41 5.46
C PHE B 170 -4.05 -2.04 6.83
N ASP B 171 -4.98 -2.87 7.29
CA ASP B 171 -5.70 -2.59 8.51
C ASP B 171 -5.71 -3.87 9.29
N ILE B 172 -5.47 -3.76 10.57
CA ILE B 172 -5.38 -4.94 11.43
C ILE B 172 -6.72 -5.66 11.41
N ALA B 173 -7.82 -4.91 11.36
CA ALA B 173 -9.12 -5.59 11.37
C ALA B 173 -9.28 -6.51 10.13
N HIS B 174 -8.75 -6.07 8.96
CA HIS B 174 -8.71 -6.88 7.74
C HIS B 174 -7.81 -8.09 7.84
N PHE B 175 -6.64 -8.01 8.52
CA PHE B 175 -5.83 -9.17 8.74
C PHE B 175 -6.62 -10.17 9.51
N ASP B 176 -7.27 -9.70 10.58
CA ASP B 176 -8.02 -10.60 11.46
C ASP B 176 -9.17 -11.28 10.71
N THR B 177 -9.96 -10.51 9.99
CA THR B 177 -11.09 -11.08 9.24
C THR B 177 -10.62 -12.02 8.11
N ALA B 178 -9.63 -11.61 7.31
CA ALA B 178 -9.13 -12.41 6.24
C ALA B 178 -8.61 -13.73 6.75
N ALA B 179 -7.78 -13.69 7.75
CA ALA B 179 -7.24 -14.97 8.28
C ALA B 179 -8.30 -15.87 8.82
N ALA B 180 -9.26 -15.30 9.49
CA ALA B 180 -10.36 -16.09 9.99
C ALA B 180 -11.12 -16.78 8.88
N VAL B 181 -11.33 -16.10 7.76
CA VAL B 181 -11.95 -16.74 6.56
C VAL B 181 -11.10 -17.88 6.07
N LEU B 182 -9.78 -17.66 5.91
CA LEU B 182 -8.92 -18.73 5.47
C LEU B 182 -8.93 -19.90 6.37
N ASN B 183 -8.95 -19.66 7.67
CA ASN B 183 -8.88 -20.76 8.65
C ASN B 183 -10.22 -21.60 8.70
N GLU B 184 -11.22 -21.16 7.98
CA GLU B 184 -12.46 -21.98 7.81
C GLU B 184 -12.19 -23.12 6.85
N PHE B 185 -11.09 -23.11 6.07
CA PHE B 185 -10.89 -24.02 4.97
C PHE B 185 -9.69 -24.83 5.17
N PRO B 186 -9.85 -26.07 5.64
CA PRO B 186 -8.71 -26.84 5.94
C PRO B 186 -7.84 -27.26 4.70
N LEU B 187 -8.45 -27.28 3.53
CA LEU B 187 -7.70 -27.65 2.35
C LEU B 187 -6.82 -26.48 1.92
N VAL B 188 -7.00 -25.25 2.41
CA VAL B 188 -6.05 -24.19 2.09
C VAL B 188 -4.80 -24.40 2.93
N LYS B 189 -3.79 -24.96 2.29
CA LYS B 189 -2.58 -25.30 3.00
C LYS B 189 -1.45 -24.29 2.94
N PHE B 190 -1.51 -23.40 1.97
CA PHE B 190 -0.52 -22.31 1.89
C PHE B 190 -1.25 -21.02 1.48
N VAL B 191 -0.66 -19.93 1.94
CA VAL B 191 -1.16 -18.55 1.70
C VAL B 191 0.01 -17.73 1.13
N THR B 192 -0.11 -17.21 -0.07
CA THR B 192 0.95 -16.47 -0.70
C THR B 192 0.63 -14.99 -0.53
N CYS B 193 1.49 -14.33 0.21
CA CYS B 193 1.40 -12.90 0.56
C CYS B 193 2.61 -12.23 0.01
N VAL B 194 2.50 -11.35 -1.02
CA VAL B 194 1.30 -10.70 -1.53
C VAL B 194 1.34 -10.52 -3.04
N ASN B 195 0.16 -10.29 -3.58
CA ASN B 195 -0.03 -9.77 -4.91
C ASN B 195 0.36 -8.29 -4.92
N SER B 196 0.34 -7.66 -6.08
CA SER B 196 0.78 -6.31 -6.16
C SER B 196 -0.08 -5.37 -5.35
N VAL B 197 0.50 -4.25 -4.94
CA VAL B 197 -0.25 -3.25 -4.20
C VAL B 197 -1.07 -2.50 -5.23
N GLY B 198 -2.35 -2.59 -5.08
CA GLY B 198 -3.31 -2.19 -6.14
C GLY B 198 -3.35 -0.75 -6.43
N ASN B 199 -3.60 -0.47 -7.70
CA ASN B 199 -4.06 0.92 -8.13
C ASN B 199 -3.11 2.02 -7.69
N GLY B 200 -1.84 1.82 -7.89
CA GLY B 200 -0.84 2.85 -7.85
C GLY B 200 -0.87 3.64 -9.17
N LEU B 201 -0.15 4.79 -9.20
CA LEU B 201 -0.10 5.62 -10.38
C LEU B 201 1.32 6.17 -10.49
N VAL B 202 2.06 5.74 -11.49
CA VAL B 202 3.40 6.31 -11.79
C VAL B 202 3.24 7.35 -12.92
N ILE B 203 3.78 8.52 -12.68
CA ILE B 203 3.75 9.58 -13.64
C ILE B 203 5.18 9.97 -13.98
N ASP B 204 5.40 10.16 -15.28
CA ASP B 204 6.67 10.59 -15.86
C ASP B 204 6.73 12.13 -15.81
N ALA B 205 7.70 12.67 -15.11
CA ALA B 205 7.70 14.15 -15.01
C ALA B 205 8.01 14.89 -16.34
N GLU B 206 8.88 14.33 -17.14
N GLU B 206 8.90 14.37 -17.15
CA GLU B 206 9.28 15.00 -18.37
CA GLU B 206 9.27 15.05 -18.42
C GLU B 206 8.14 15.03 -19.35
C GLU B 206 8.11 15.04 -19.36
N SER B 207 7.48 13.87 -19.58
CA SER B 207 6.37 13.81 -20.52
C SER B 207 5.04 14.27 -19.98
N GLU B 208 4.98 14.38 -18.66
CA GLU B 208 3.74 14.68 -17.92
C GLU B 208 2.64 13.70 -18.10
N SER B 209 3.01 12.45 -18.30
CA SER B 209 2.08 11.44 -18.68
C SER B 209 2.22 10.21 -17.71
N VAL B 210 1.10 9.52 -17.51
CA VAL B 210 1.13 8.17 -16.93
C VAL B 210 1.93 7.27 -17.87
N VAL B 211 2.35 6.11 -17.37
CA VAL B 211 3.33 5.30 -18.13
C VAL B 211 2.75 3.96 -18.62
N ILE B 212 1.53 3.64 -18.22
CA ILE B 212 0.82 2.51 -18.80
C ILE B 212 -0.48 2.97 -19.36
N LYS B 213 -0.99 2.30 -20.38
CA LYS B 213 -2.16 2.68 -21.09
C LYS B 213 -3.48 2.33 -20.41
N PRO B 214 -3.66 1.11 -19.93
CA PRO B 214 -4.93 0.81 -19.35
C PRO B 214 -5.25 1.60 -18.09
N LYS B 215 -6.53 1.68 -17.76
N LYS B 215 -6.54 1.59 -17.76
N LYS B 215 -6.53 1.68 -17.77
CA LYS B 215 -6.96 2.19 -16.47
CA LYS B 215 -7.10 2.18 -16.55
CA LYS B 215 -7.01 2.21 -16.52
C LYS B 215 -6.48 3.61 -16.20
C LYS B 215 -6.50 3.57 -16.23
C LYS B 215 -6.48 3.60 -16.22
N GLN B 216 -6.34 4.44 -17.26
CA GLN B 216 -5.85 5.79 -17.08
C GLN B 216 -4.56 5.83 -16.26
N GLY B 217 -3.73 4.82 -16.44
CA GLY B 217 -2.41 4.72 -15.81
C GLY B 217 -2.34 3.98 -14.50
N PHE B 218 -3.44 3.61 -13.93
CA PHE B 218 -3.50 2.99 -12.61
C PHE B 218 -3.13 1.51 -12.79
N GLY B 219 -2.30 1.02 -11.88
CA GLY B 219 -1.84 -0.40 -11.95
C GLY B 219 -1.24 -0.90 -10.71
N GLY B 220 -1.04 -2.20 -10.68
CA GLY B 220 -0.49 -2.78 -9.47
C GLY B 220 1.00 -2.58 -9.34
N LEU B 221 1.46 -2.31 -8.10
CA LEU B 221 2.87 -1.99 -7.80
C LEU B 221 3.60 -3.21 -7.29
N GLY B 222 4.79 -3.40 -7.81
CA GLY B 222 5.69 -4.37 -7.26
C GLY B 222 7.04 -3.78 -7.02
N GLY B 223 7.92 -4.55 -6.43
CA GLY B 223 9.29 -4.20 -6.27
C GLY B 223 9.65 -3.49 -4.93
N LYS B 224 10.67 -2.64 -5.01
CA LYS B 224 11.19 -2.03 -3.76
C LYS B 224 10.11 -1.26 -2.97
N TYR B 225 9.14 -0.68 -3.70
CA TYR B 225 8.00 0.03 -3.07
C TYR B 225 7.32 -0.77 -2.00
N ILE B 226 7.20 -2.10 -2.23
CA ILE B 226 6.26 -2.91 -1.49
C ILE B 226 6.87 -3.89 -0.43
N LEU B 227 8.19 -3.89 -0.21
CA LEU B 227 8.76 -4.89 0.70
C LEU B 227 8.22 -4.77 2.07
N PRO B 228 8.19 -3.59 2.72
CA PRO B 228 7.60 -3.63 4.09
C PRO B 228 6.14 -4.03 4.16
N THR B 229 5.32 -3.67 3.16
CA THR B 229 3.96 -4.14 3.02
C THR B 229 3.90 -5.69 2.94
N ALA B 230 4.77 -6.21 2.10
CA ALA B 230 4.81 -7.68 1.95
C ALA B 230 5.19 -8.34 3.24
N LEU B 231 6.27 -7.87 3.88
CA LEU B 231 6.73 -8.49 5.10
C LEU B 231 5.60 -8.49 6.13
N ALA B 232 4.89 -7.36 6.28
CA ALA B 232 3.80 -7.24 7.21
C ALA B 232 2.73 -8.30 6.99
N ASN B 233 2.38 -8.54 5.74
CA ASN B 233 1.32 -9.44 5.38
C ASN B 233 1.80 -10.87 5.64
N VAL B 234 3.04 -11.17 5.25
CA VAL B 234 3.63 -12.53 5.58
C VAL B 234 3.48 -12.71 7.07
N ASN B 235 4.01 -11.76 7.86
CA ASN B 235 4.03 -11.97 9.32
C ASN B 235 2.64 -12.07 9.89
N ALA B 236 1.71 -11.24 9.40
CA ALA B 236 0.35 -11.22 9.94
C ALA B 236 -0.35 -12.52 9.71
N PHE B 237 -0.24 -13.10 8.54
CA PHE B 237 -0.79 -14.40 8.26
C PHE B 237 -0.04 -15.56 8.89
N TYR B 238 1.27 -15.43 9.05
CA TYR B 238 2.08 -16.41 9.74
C TYR B 238 1.55 -16.57 11.17
N ARG B 239 1.31 -15.46 11.81
CA ARG B 239 0.85 -15.41 13.22
C ARG B 239 -0.57 -15.95 13.31
N ARG B 240 -1.42 -15.64 12.35
CA ARG B 240 -2.87 -15.92 12.44
C ARG B 240 -3.24 -17.28 11.89
N CYS B 241 -2.38 -17.91 11.10
CA CYS B 241 -2.74 -19.19 10.43
C CYS B 241 -1.66 -20.20 10.79
N PRO B 242 -1.63 -20.59 12.08
CA PRO B 242 -0.59 -21.53 12.50
C PRO B 242 -0.63 -22.93 11.87
N ASP B 243 -1.74 -23.34 11.30
CA ASP B 243 -1.87 -24.62 10.61
C ASP B 243 -1.64 -24.60 9.15
N LYS B 244 -1.19 -23.44 8.63
CA LYS B 244 -0.91 -23.27 7.22
C LYS B 244 0.52 -22.81 6.98
N LEU B 245 1.00 -22.96 5.74
CA LEU B 245 2.24 -22.36 5.27
C LEU B 245 1.93 -20.96 4.71
N VAL B 246 2.92 -20.08 4.82
CA VAL B 246 2.89 -18.79 4.19
C VAL B 246 4.05 -18.74 3.21
N PHE B 247 3.74 -18.35 2.01
CA PHE B 247 4.74 -18.10 1.00
C PHE B 247 4.91 -16.54 0.88
N GLY B 248 6.12 -16.06 0.80
CA GLY B 248 6.34 -14.64 0.72
C GLY B 248 6.54 -14.19 -0.70
N CYS B 249 5.92 -13.08 -1.07
CA CYS B 249 6.11 -12.50 -2.37
C CYS B 249 6.08 -10.98 -2.19
N GLY B 250 7.05 -10.27 -2.71
CA GLY B 250 7.04 -8.82 -2.81
C GLY B 250 8.36 -8.20 -2.42
N GLY B 251 8.94 -7.48 -3.38
CA GLY B 251 10.16 -6.75 -3.07
C GLY B 251 11.42 -7.49 -2.85
N VAL B 252 11.46 -8.75 -3.34
CA VAL B 252 12.70 -9.51 -3.25
C VAL B 252 13.61 -9.21 -4.37
N TYR B 253 14.76 -8.60 -4.07
CA TYR B 253 15.86 -8.42 -5.01
C TYR B 253 17.16 -9.06 -4.57
N SER B 254 17.25 -9.50 -3.33
CA SER B 254 18.51 -10.00 -2.79
C SER B 254 18.28 -11.11 -1.80
N GLY B 255 19.33 -11.82 -1.49
CA GLY B 255 19.27 -12.82 -0.44
C GLY B 255 18.85 -12.22 0.87
N GLU B 256 19.27 -10.99 1.13
CA GLU B 256 18.85 -10.34 2.34
C GLU B 256 17.34 -10.09 2.38
N ASP B 257 16.79 -9.64 1.28
CA ASP B 257 15.34 -9.46 1.25
C ASP B 257 14.62 -10.79 1.51
N ALA B 258 15.15 -11.84 0.93
CA ALA B 258 14.59 -13.17 1.15
C ALA B 258 14.70 -13.63 2.61
N PHE B 259 15.84 -13.34 3.20
CA PHE B 259 16.05 -13.66 4.59
C PHE B 259 15.03 -12.95 5.48
N LEU B 260 14.73 -11.70 5.15
CA LEU B 260 13.72 -10.98 5.88
C LEU B 260 12.30 -11.63 5.75
N HIS B 261 11.94 -12.01 4.49
CA HIS B 261 10.71 -12.78 4.29
C HIS B 261 10.63 -14.02 5.15
N ILE B 262 11.75 -14.71 5.19
CA ILE B 262 11.81 -15.97 5.91
C ILE B 262 11.73 -15.75 7.44
N LEU B 263 12.42 -14.72 7.95
CA LEU B 263 12.28 -14.32 9.33
C LEU B 263 10.84 -14.00 9.69
N ALA B 264 10.15 -13.38 8.74
CA ALA B 264 8.72 -13.04 8.91
C ALA B 264 7.77 -14.23 8.90
N GLY B 265 8.24 -15.33 8.37
CA GLY B 265 7.48 -16.53 8.29
C GLY B 265 7.41 -17.27 6.97
N ALA B 266 8.03 -16.72 5.94
CA ALA B 266 7.93 -17.36 4.62
C ALA B 266 8.55 -18.73 4.53
N SER B 267 7.86 -19.62 3.83
CA SER B 267 8.45 -20.89 3.45
C SER B 267 9.05 -20.73 2.05
N MET B 268 8.23 -20.75 1.03
CA MET B 268 8.68 -20.37 -0.28
C MET B 268 8.77 -18.83 -0.38
N VAL B 269 9.67 -18.39 -1.23
CA VAL B 269 9.87 -16.99 -1.51
C VAL B 269 9.81 -16.74 -3.04
N GLN B 270 8.83 -15.98 -3.47
CA GLN B 270 8.56 -15.73 -4.88
C GLN B 270 9.17 -14.36 -5.26
N VAL B 271 9.58 -14.33 -6.54
CA VAL B 271 10.35 -13.24 -7.10
C VAL B 271 9.59 -12.74 -8.35
N GLY B 272 9.13 -11.48 -8.40
CA GLY B 272 8.33 -10.97 -9.49
C GLY B 272 9.17 -9.93 -10.30
N THR B 273 9.01 -8.67 -9.92
CA THR B 273 9.66 -7.57 -10.57
C THR B 273 11.15 -7.79 -10.76
N ALA B 274 11.85 -8.24 -9.70
CA ALA B 274 13.29 -8.40 -9.88
C ALA B 274 13.68 -9.41 -10.93
N LEU B 275 12.92 -10.48 -11.00
CA LEU B 275 13.12 -11.51 -12.00
C LEU B 275 12.74 -10.98 -13.42
N GLN B 276 11.66 -10.24 -13.54
CA GLN B 276 11.28 -9.61 -14.78
C GLN B 276 12.44 -8.77 -15.27
N GLU B 277 13.10 -8.03 -14.38
CA GLU B 277 14.11 -7.08 -14.78
C GLU B 277 15.45 -7.73 -14.99
N GLU B 278 15.86 -8.69 -14.12
CA GLU B 278 17.16 -9.28 -14.17
C GLU B 278 17.27 -10.59 -15.04
N GLY B 279 16.16 -11.30 -15.13
CA GLY B 279 16.12 -12.59 -15.71
C GLY B 279 16.49 -13.70 -14.78
N PRO B 280 16.45 -14.93 -15.28
CA PRO B 280 16.49 -16.07 -14.41
C PRO B 280 17.80 -16.35 -13.74
N GLY B 281 18.86 -15.72 -14.20
CA GLY B 281 20.13 -15.75 -13.50
C GLY B 281 20.02 -15.27 -12.08
N ILE B 282 18.96 -14.51 -11.77
CA ILE B 282 18.78 -14.01 -10.43
C ILE B 282 18.76 -15.12 -9.41
N PHE B 283 18.28 -16.31 -9.76
CA PHE B 283 18.14 -17.34 -8.76
C PHE B 283 19.47 -17.80 -8.22
N THR B 284 20.52 -17.89 -9.04
CA THR B 284 21.81 -18.32 -8.46
C THR B 284 22.36 -17.26 -7.52
N ARG B 285 22.17 -16.01 -7.87
CA ARG B 285 22.58 -14.91 -7.01
C ARG B 285 21.85 -14.91 -5.68
N LEU B 286 20.55 -15.10 -5.74
CA LEU B 286 19.76 -15.13 -4.52
C LEU B 286 20.18 -16.27 -3.60
N GLU B 287 20.40 -17.43 -4.20
CA GLU B 287 20.86 -18.56 -3.40
C GLU B 287 22.21 -18.29 -2.73
N ASP B 288 23.16 -17.77 -3.49
CA ASP B 288 24.47 -17.48 -2.94
C ASP B 288 24.38 -16.42 -1.81
N GLU B 289 23.58 -15.38 -2.05
CA GLU B 289 23.46 -14.33 -1.07
C GLU B 289 22.81 -14.79 0.24
N LEU B 290 21.79 -15.60 0.12
CA LEU B 290 21.11 -16.12 1.28
C LEU B 290 22.05 -17.04 2.07
N LEU B 291 22.77 -17.89 1.35
CA LEU B 291 23.74 -18.78 2.02
C LEU B 291 24.83 -17.96 2.69
N GLU B 292 25.28 -16.83 2.11
CA GLU B 292 26.29 -16.06 2.76
C GLU B 292 25.79 -15.42 4.06
N ILE B 293 24.53 -14.95 4.11
CA ILE B 293 23.98 -14.39 5.34
C ILE B 293 23.80 -15.48 6.39
N MET B 294 23.30 -16.65 5.95
CA MET B 294 23.22 -17.81 6.87
C MET B 294 24.63 -18.16 7.43
N ALA B 295 25.64 -18.18 6.62
CA ALA B 295 27.00 -18.53 7.12
C ALA B 295 27.49 -17.54 8.10
N ARG B 296 27.27 -16.27 7.91
CA ARG B 296 27.76 -15.26 8.83
C ARG B 296 27.07 -15.40 10.19
N LYS B 297 25.83 -15.87 10.17
CA LYS B 297 25.04 -15.95 11.36
C LYS B 297 25.09 -17.32 12.01
N GLY B 298 25.72 -18.26 11.36
CA GLY B 298 25.77 -19.60 11.91
C GLY B 298 24.54 -20.44 11.73
N TYR B 299 23.61 -20.06 10.84
CA TYR B 299 22.42 -20.84 10.58
C TYR B 299 22.70 -21.90 9.50
N ARG B 300 22.24 -23.12 9.76
CA ARG B 300 22.48 -24.20 8.86
C ARG B 300 21.28 -24.59 8.00
N THR B 301 20.08 -24.30 8.45
CA THR B 301 18.87 -24.61 7.75
C THR B 301 17.92 -23.42 7.85
N LEU B 302 16.89 -23.43 6.99
CA LEU B 302 15.95 -22.36 6.92
C LEU B 302 15.01 -22.38 8.17
N GLU B 303 14.69 -23.59 8.67
CA GLU B 303 13.82 -23.69 9.81
C GLU B 303 14.42 -23.16 11.11
N GLU B 304 15.72 -22.92 11.14
N GLU B 304 15.73 -22.95 11.13
CA GLU B 304 16.34 -22.37 12.33
CA GLU B 304 16.34 -22.37 12.28
C GLU B 304 16.04 -20.88 12.51
C GLU B 304 15.82 -20.99 12.52
N PHE B 305 15.56 -20.24 11.45
CA PHE B 305 15.17 -18.81 11.58
C PHE B 305 13.80 -18.46 11.01
N ARG B 306 13.09 -19.39 10.33
CA ARG B 306 11.82 -19.06 9.74
C ARG B 306 10.81 -18.66 10.82
N GLY B 307 10.23 -17.47 10.75
CA GLY B 307 9.23 -17.00 11.67
C GLY B 307 9.82 -16.41 12.92
N ARG B 308 11.15 -16.33 13.04
CA ARG B 308 11.84 -15.99 14.27
C ARG B 308 12.18 -14.53 14.35
N VAL B 309 11.52 -13.69 13.55
CA VAL B 309 11.68 -12.23 13.73
C VAL B 309 11.43 -11.87 15.20
N LYS B 310 12.35 -11.02 15.70
CA LYS B 310 12.27 -10.57 17.10
C LYS B 310 11.47 -9.31 17.21
N THR B 311 10.62 -9.22 18.22
CA THR B 311 9.97 -7.96 18.55
C THR B 311 10.66 -7.28 19.75
N ILE B 312 10.39 -5.97 19.96
CA ILE B 312 11.05 -5.17 21.01
C ILE B 312 10.23 -5.23 22.30
N GLU B 313 10.90 -5.72 23.34
CA GLU B 313 10.25 -6.19 24.60
C GLU B 313 9.46 -7.48 24.43
OAB W86 C . 0.64 7.36 15.26
CAR W86 C . 0.28 8.53 14.96
OAF W86 C . 0.17 9.44 15.79
CAV W86 C . -0.17 8.80 13.61
NAO W86 C . 0.70 8.27 12.63
CAX W86 C . 0.40 8.31 11.33
OAD W86 C . 1.19 7.91 10.43
NAP W86 C . -0.81 8.86 10.94
CAY W86 C . -1.72 9.39 11.84
OAE W86 C . -2.79 9.82 11.42
CAW W86 C . -1.39 9.31 13.24
CAN W86 C . -2.38 9.83 14.23
CAL W86 C . -3.53 8.78 14.46
CAK W86 C . -2.98 7.58 15.23
CAM W86 C . -4.14 6.69 15.89
CAT W86 C . -3.63 5.81 16.85
CAH W86 C . -4.08 5.84 18.19
CAJ W86 C . -3.58 4.96 19.12
CAG W86 C . -2.72 4.88 16.48
CAI W86 C . -2.22 3.98 17.41
CAU W86 C . -2.62 4.00 18.75
CAS W86 C . -2.12 3.11 19.73
OAC W86 C . -2.51 3.28 20.89
OAQ W86 C . -1.04 2.24 19.42
CAA W86 C . -0.93 1.52 18.22
C1 GOL D . 12.77 28.09 12.03
C1 GOL D . 13.63 28.33 11.67
O1 GOL D . 13.42 27.68 13.27
O1 GOL D . 13.15 27.73 12.92
C2 GOL D . 13.62 27.60 10.85
C2 GOL D . 13.37 27.48 10.42
O2 GOL D . 14.90 28.20 10.92
O2 GOL D . 11.97 27.38 10.29
C3 GOL D . 13.03 27.84 9.43
C3 GOL D . 13.96 28.00 9.09
O3 GOL D . 13.75 27.19 8.31
O3 GOL D . 13.76 27.09 7.95
C1 GOL E . 0.22 -8.07 13.75
O1 GOL E . -0.05 -9.49 13.97
C2 GOL E . -0.40 -7.21 14.81
O2 GOL E . -1.85 -7.28 14.60
C3 GOL E . 0.11 -5.75 14.78
O3 GOL E . -0.49 -5.16 15.93
C1 GOL F . -2.67 5.98 10.42
O1 GOL F . -2.18 5.55 11.72
C2 GOL F . -2.50 4.96 9.26
O2 GOL F . -1.19 4.33 9.16
C3 GOL F . -2.88 5.74 7.96
O3 GOL F . -3.57 5.19 6.83
C1 GOL G . 15.52 -1.46 6.56
O1 GOL G . 15.96 -1.46 5.17
C2 GOL G . 16.69 -1.48 7.55
O2 GOL G . 17.66 -2.48 7.29
C3 GOL G . 16.28 -1.74 9.01
O3 GOL G . 17.36 -1.41 9.90
C1 GOL H . 18.49 15.94 0.31
O1 GOL H . 18.43 14.93 -0.70
C2 GOL H . 18.58 17.27 -0.43
O2 GOL H . 18.84 17.03 -1.82
C3 GOL H . 19.67 18.19 0.08
O3 GOL H . 19.27 18.91 1.23
C1 GOL I . 10.97 11.26 15.70
O1 GOL I . 11.55 10.16 16.41
C2 GOL I . 9.66 11.55 16.30
O2 GOL I . 9.82 11.58 17.74
C3 GOL I . 9.11 12.85 15.78
O3 GOL I . 8.04 13.41 16.60
C1 GOL J . -1.06 34.30 4.52
O1 GOL J . -2.41 34.26 4.24
C2 GOL J . -0.43 35.56 3.99
O2 GOL J . -0.34 36.57 4.98
C3 GOL J . 0.97 35.16 3.61
O3 GOL J . 0.77 34.07 2.70
C1 GOL K . -12.10 22.97 -8.35
O1 GOL K . -12.75 22.48 -7.17
C2 GOL K . -13.02 23.91 -9.16
O2 GOL K . -12.77 25.29 -8.82
C3 GOL K . -12.83 23.77 -10.67
O3 GOL K . -14.01 23.16 -11.20
AS CAC L . 9.07 16.75 17.76
O1 CAC L . 7.95 16.20 16.49
O2 CAC L . 8.02 17.71 18.84
C1 CAC L . 10.18 17.89 16.51
C2 CAC L . 9.99 15.37 18.85
AS CAC M . 4.52 23.84 -23.28
O1 CAC M . 3.22 22.81 -24.00
O2 CAC M . 6.11 23.07 -23.41
C1 CAC M . 4.61 25.81 -23.56
C2 CAC M . 4.25 23.67 -21.32
N1 FMN N . -1.01 12.08 9.81
C2 FMN N . -2.01 12.73 10.47
O2 FMN N . -3.01 13.06 9.81
N3 FMN N . -1.93 13.09 11.79
C4 FMN N . -0.92 12.84 12.58
O4 FMN N . -0.81 13.26 13.77
C4A FMN N . 0.22 12.17 11.97
N5 FMN N . 1.31 11.95 12.64
C5A FMN N . 2.44 11.51 12.00
C6 FMN N . 3.64 11.28 12.66
C7 FMN N . 4.79 10.87 12.03
C7M FMN N . 6.13 10.70 12.75
C8 FMN N . 4.74 10.54 10.65
C8M FMN N . 5.95 10.06 9.87
C9 FMN N . 3.56 10.70 9.98
C9A FMN N . 2.42 11.14 10.62
N10 FMN N . 1.19 11.27 9.93
C10 FMN N . 0.09 11.86 10.55
C1' FMN N . 1.05 10.99 8.47
C2' FMN N . 1.68 12.03 7.65
O2' FMN N . 0.91 13.26 7.80
C3' FMN N . 1.65 11.70 6.18
O3' FMN N . 0.28 11.48 5.78
C4' FMN N . 2.49 10.45 5.86
O4' FMN N . 3.71 10.41 6.64
C5' FMN N . 2.80 10.35 4.37
O5' FMN N . 3.55 11.47 3.91
P FMN N . 5.17 11.32 3.67
O1P FMN N . 5.59 12.72 3.28
O2P FMN N . 5.39 10.29 2.61
O3P FMN N . 5.77 10.92 5.02
C1 EDO O . -6.93 12.53 -18.67
O1 EDO O . -8.22 12.51 -18.08
C2 EDO O . -5.75 13.16 -17.90
O2 EDO O . -5.90 13.98 -16.70
C1 EDO P . -10.48 36.88 9.39
O1 EDO P . -10.90 35.51 9.32
C2 EDO P . -9.08 36.95 9.99
O2 EDO P . -9.11 37.36 11.36
C1 EDO Q . -23.79 20.98 4.63
O1 EDO Q . -23.92 19.90 5.52
C2 EDO Q . -24.30 22.30 5.15
O2 EDO Q . -23.91 23.23 4.20
C1 EDO R . -2.64 9.12 27.74
O1 EDO R . -3.19 8.23 26.84
C2 EDO R . -1.22 8.66 27.85
O2 EDO R . -0.52 9.77 28.18
C1 EDO S . 17.91 7.82 6.42
O1 EDO S . 18.44 6.72 5.70
C2 EDO S . 17.53 8.95 5.47
O2 EDO S . 16.97 9.97 6.32
C1 EDO T . 2.76 30.42 -19.44
O1 EDO T . 3.03 29.12 -19.91
C2 EDO T . 1.45 30.85 -20.08
O2 EDO T . 1.58 32.06 -20.82
C1 EDO U . 5.04 31.47 3.79
O1 EDO U . 6.48 31.57 3.81
C2 EDO U . 4.52 32.71 4.42
O2 EDO U . 3.69 33.37 3.51
C1 EDO V . 10.93 17.33 -16.00
O1 EDO V . 11.63 17.51 -17.20
C2 EDO V . 11.75 16.52 -15.03
O2 EDO V . 12.24 15.33 -15.64
C1 EDO W . 14.99 6.47 -5.45
O1 EDO W . 15.78 6.21 -4.23
C2 EDO W . 14.34 7.86 -5.42
O2 EDO W . 15.33 8.78 -4.91
C1 EDO X . -3.94 28.44 -19.02
O1 EDO X . -4.45 28.37 -17.70
C2 EDO X . -3.68 27.01 -19.41
O2 EDO X . -2.66 26.89 -20.42
C1 EDO Y . 0.06 23.09 -21.81
O1 EDO Y . 1.06 22.10 -21.41
C2 EDO Y . 0.01 24.37 -20.97
O2 EDO Y . -1.00 24.30 -19.91
C1 EDO Z . -18.16 13.21 -9.55
O1 EDO Z . -18.01 11.97 -8.81
C2 EDO Z . -19.01 14.28 -8.92
O2 EDO Z . -20.27 14.07 -9.48
C1 EDO AA . -24.24 20.86 7.92
O1 EDO AA . -24.73 19.58 8.27
C2 EDO AA . -24.24 21.81 9.10
O2 EDO AA . -24.19 23.16 8.64
C1 EDO BA . -10.89 15.92 28.24
O1 EDO BA . -10.70 14.48 28.14
C2 EDO BA . -9.72 16.60 28.95
O2 EDO BA . -9.65 17.98 28.54
CO NCO CA . 16.71 15.71 12.27
N1 NCO CA . 16.83 17.38 13.38
N2 NCO CA . 16.57 14.04 11.12
N3 NCO CA . 14.84 15.24 12.95
N4 NCO CA . 15.87 16.77 10.80
N5 NCO CA . 18.60 16.13 11.58
N6 NCO CA . 17.58 14.63 13.73
CO NCO DA . 21.81 -1.40 13.24
CO NCO DA . 20.69 -1.22 16.28
N1 NCO DA . 23.12 -0.23 12.32
N1 NCO DA . 20.28 -0.32 14.57
N2 NCO DA . 20.55 -2.60 14.18
N2 NCO DA . 21.21 -2.13 18.02
N3 NCO DA . 21.60 -0.02 14.66
N3 NCO DA . 21.56 0.33 17.15
N4 NCO DA . 23.26 -2.02 14.48
N4 NCO DA . 22.46 -1.75 15.54
N5 NCO DA . 22.04 -2.85 11.88
N5 NCO DA . 19.85 -2.80 15.38
N6 NCO DA . 20.30 -0.84 12.01
N6 NCO DA . 18.92 -0.62 16.97
OAB W86 EA . -2.59 -10.13 -15.29
CAR W86 EA . -2.63 -9.18 -14.50
OAF W86 EA . -2.95 -7.96 -14.84
CAV W86 EA . -2.25 -9.37 -13.10
NAO W86 EA . -1.34 -8.39 -12.56
CAX W86 EA . -0.96 -8.42 -11.26
OAD W86 EA . -0.17 -7.61 -10.76
NAP W86 EA . -1.52 -9.42 -10.46
CAY W86 EA . -2.49 -10.37 -10.91
OAE W86 EA . -3.00 -11.16 -10.07
CAW W86 EA . -2.83 -10.31 -12.30
CAN W86 EA . -3.77 -11.32 -12.78
CAL W86 EA . -5.25 -11.01 -12.47
CAK W86 EA . -5.74 -9.83 -13.28
CAM W86 EA . -7.26 -9.53 -13.15
CAT W86 EA . -7.66 -8.57 -14.26
CAH W86 EA . -7.17 -7.30 -14.40
CAJ W86 EA . -7.53 -6.38 -15.43
CAG W86 EA . -8.64 -8.94 -15.25
CAI W86 EA . -8.99 -8.04 -16.30
CAU W86 EA . -8.47 -6.72 -16.39
CAS W86 EA . -8.88 -5.81 -17.43
OAC W86 EA . -9.62 -6.14 -18.39
OAQ W86 EA . -8.44 -4.47 -17.38
CAA W86 EA . -7.72 -3.73 -16.33
C1 GOL FA . -8.61 3.86 -12.71
O1 GOL FA . -9.08 2.82 -13.54
C2 GOL FA . -9.63 5.02 -12.59
O2 GOL FA . -10.91 4.66 -12.02
C3 GOL FA . -9.07 6.06 -11.63
O3 GOL FA . -9.95 7.19 -11.62
C1 GOL GA . -3.14 -6.01 -8.39
O1 GOL GA . -2.28 -6.45 -9.48
C2 GOL GA . -4.50 -6.69 -8.62
O2 GOL GA . -5.19 -6.87 -7.38
C3 GOL GA . -4.51 -8.15 -9.21
O3 GOL GA . -5.74 -8.14 -10.00
C1 GOL HA . -2.26 -13.28 17.06
C1 GOL HA . -2.16 -12.93 15.99
O1 GOL HA . -2.48 -14.13 15.94
O1 GOL HA . -2.22 -14.37 15.86
C2 GOL HA . -1.98 -11.84 16.62
C2 GOL HA . -0.79 -12.47 16.44
O2 GOL HA . -2.94 -10.94 17.21
O2 GOL HA . -0.09 -13.44 17.24
C3 GOL HA . -0.56 -11.51 17.08
C3 GOL HA . -0.90 -11.17 17.21
O3 GOL HA . -0.09 -10.37 16.34
O3 GOL HA . -0.04 -10.29 16.50
C1 GOL IA . 9.17 7.24 -12.28
O1 GOL IA . 9.98 7.74 -11.19
C2 GOL IA . 9.61 7.54 -13.72
O2 GOL IA . 10.10 8.80 -13.85
C3 GOL IA . 8.52 7.44 -14.82
O3 GOL IA . 9.10 7.65 -16.14
C1 GOL JA . 6.09 -9.28 -19.58
O1 GOL JA . 5.02 -10.30 -19.71
C2 GOL JA . 5.81 -7.80 -19.93
O2 GOL JA . 5.07 -7.83 -21.17
C3 GOL JA . 7.07 -7.01 -20.12
O3 GOL JA . 6.99 -5.91 -21.05
C1 GOL KA . 10.75 -28.46 6.23
O1 GOL KA . 11.34 -27.92 5.12
C2 GOL KA . 9.81 -27.58 7.05
O2 GOL KA . 10.54 -26.55 7.73
C3 GOL KA . 8.72 -27.09 6.06
O3 GOL KA . 7.59 -26.63 6.85
C1 GOL LA . 3.74 -26.94 8.95
O1 GOL LA . 4.79 -26.13 9.68
C2 GOL LA . 2.53 -26.03 8.63
O2 GOL LA . 1.31 -26.51 7.98
C3 GOL LA . 2.02 -25.43 9.90
O3 GOL LA . 1.93 -24.04 9.70
C1 GOL MA . 12.79 -34.37 -5.77
O1 GOL MA . 12.28 -35.55 -5.18
C2 GOL MA . 12.41 -34.23 -7.23
O2 GOL MA . 13.45 -34.80 -8.03
C3 GOL MA . 12.32 -32.76 -7.64
O3 GOL MA . 11.24 -32.04 -6.99
C1 GOL NA . 2.73 -19.20 14.21
C1 GOL NA . 2.70 -18.99 14.23
O1 GOL NA . 3.40 -18.26 15.05
O1 GOL NA . 1.29 -19.25 14.03
C2 GOL NA . 3.53 -20.49 13.95
C2 GOL NA . 3.55 -20.16 13.72
O2 GOL NA . 3.70 -21.29 15.14
O2 GOL NA . 4.18 -20.91 14.78
C3 GOL NA . 2.70 -21.29 12.95
C3 GOL NA . 2.66 -21.12 12.96
O3 GOL NA . 3.48 -22.02 11.99
O3 GOL NA . 3.40 -22.00 12.10
C1 GOL OA . -13.33 -19.65 -26.09
O1 GOL OA . -12.35 -20.38 -26.79
C2 GOL OA . -13.62 -18.29 -26.66
O2 GOL OA . -14.45 -17.57 -25.71
C3 GOL OA . -12.30 -17.58 -26.87
O3 GOL OA . -11.39 -18.41 -27.65
N1 FMN PA . 0.07 -12.30 -9.67
C2 FMN PA . -0.72 -13.38 -9.86
O2 FMN PA . -1.12 -13.98 -8.87
N3 FMN PA . -1.08 -13.79 -11.11
C4 FMN PA . -0.61 -13.21 -12.22
O4 FMN PA . -0.94 -13.65 -13.38
C4A FMN PA . 0.19 -12.07 -12.10
N5 FMN PA . 0.72 -11.47 -13.16
C5A FMN PA . 1.68 -10.50 -13.00
C6 FMN PA . 2.31 -9.95 -14.12
C7 FMN PA . 3.27 -8.96 -13.99
C7M FMN PA . 3.94 -8.40 -15.23
C8 FMN PA . 3.69 -8.58 -12.70
C8M FMN PA . 4.76 -7.52 -12.54
C9 FMN PA . 3.10 -9.14 -11.56
C9A FMN PA . 2.10 -10.10 -11.69
N10 FMN PA . 1.42 -10.66 -10.56
C10 FMN PA . 0.56 -11.69 -10.77
C1' FMN PA . 1.84 -10.26 -9.19
C2' FMN PA . 3.15 -10.91 -8.82
O2' FMN PA . 2.94 -12.33 -8.76
C3' FMN PA . 3.61 -10.46 -7.46
O3' FMN PA . 2.61 -10.81 -6.48
C4' FMN PA . 3.87 -8.94 -7.41
O4' FMN PA . 4.51 -8.52 -8.64
C5' FMN PA . 4.70 -8.57 -6.19
O5' FMN PA . 6.00 -9.17 -6.23
P FMN PA . 7.33 -8.38 -6.65
O1P FMN PA . 8.45 -9.44 -6.58
O2P FMN PA . 7.46 -7.22 -5.71
O3P FMN PA . 7.03 -7.85 -8.06
C1 EDO QA . -19.02 -25.71 -14.28
O1 EDO QA . -18.33 -26.83 -13.83
C2 EDO QA . -18.43 -24.46 -13.73
O2 EDO QA . -19.04 -24.10 -12.55
C1 EDO RA . -8.41 -23.14 -23.07
O1 EDO RA . -8.97 -23.96 -21.94
C2 EDO RA . -8.62 -23.69 -24.53
O2 EDO RA . -9.50 -23.01 -25.52
C1 EDO SA . 15.56 -1.15 -13.43
O1 EDO SA . 14.93 -2.27 -14.05
C2 EDO SA . 14.86 -0.03 -14.17
O2 EDO SA . 15.19 1.20 -13.57
C1 EDO TA . 16.81 -7.47 -10.35
O1 EDO TA . 17.59 -7.34 -9.23
C2 EDO TA . 16.14 -6.20 -10.80
O2 EDO TA . 17.06 -5.24 -11.21
C1 EDO UA . 17.22 -0.50 -2.20
O1 EDO UA . 18.21 -1.04 -3.07
C2 EDO UA . 16.65 0.88 -2.61
O2 EDO UA . 17.05 1.44 -3.89
C1 EDO VA . 3.69 -2.02 -27.89
O1 EDO VA . 3.64 -3.38 -28.37
C2 EDO VA . 2.82 -1.14 -28.79
O2 EDO VA . 2.85 0.24 -28.42
C1 EDO WA . 5.40 -35.50 -17.50
O1 EDO WA . 4.30 -36.24 -16.91
C2 EDO WA . 6.43 -36.32 -18.23
O2 EDO WA . 7.74 -35.77 -17.96
#